data_5G0T
#
_entry.id   5G0T
#
_cell.length_a   65.166
_cell.length_b   112.069
_cell.length_c   67.847
_cell.angle_alpha   90.00
_cell.angle_beta   98.43
_cell.angle_gamma   90.00
#
_symmetry.space_group_name_H-M   'P 1 21 1'
#
loop_
_entity.id
_entity.type
_entity.pdbx_description
1 polymer 'ENOYL-[ACYL-CARRIER-PROTEIN] REDUCTASE [NADH]'
2 non-polymer NICOTINAMIDE-ADENINE-DINUCLEOTIDE
3 non-polymer 1-benzyl-N-[cis-4-(2-{[(4-fluorophenyl)methyl][2-(methylamino)-2-oxoethyl]amino}-2-oxoethyl)cyclohexyl]-5-methyl-1H-1,2,3-triazole-4-carboxamide
4 water water
#
_entity_poly.entity_id   1
_entity_poly.type   'polypeptide(L)'
_entity_poly.pdbx_seq_one_letter_code
;MTGLLDGKRILVSGIITDSSIAFHIARVAQEQGAQLVLTGFDRLRLIQRITDRLPAKAPLLELDVQNEEHLASLAGRVTE
AIGAGNKLDGVVHSIGFMPQTGMGINPFFDAPYADVSKGIHISAYSYASMAKALLPIMNPGGSIVGMDFDPSRAMPAYNW
MTVAKSALESVNRFVAREAGKYGVRSNLVAAGPIRTLAMSAIVGGALGEEAGAQIQLLEEGWDQRAPIGWNMKDATPVAK
TVCALLSDWLPATTGDIIYADGGAHTQLL
;
_entity_poly.pdbx_strand_id   A,B,C,D
#
loop_
_chem_comp.id
_chem_comp.type
_chem_comp.name
_chem_comp.formula
NAD non-polymer NICOTINAMIDE-ADENINE-DINUCLEOTIDE 'C21 H27 N7 O14 P2'
S72 non-polymer 1-benzyl-N-[cis-4-(2-{[(4-fluorophenyl)methyl][2-(methylamino)-2-oxoethyl]amino}-2-oxoethyl)cyclohexyl]-5-methyl-1H-1,2,3-triazole-4-carboxamide 'C29 H35 F N6 O3'
#
# COMPACT_ATOMS: atom_id res chain seq x y z
N GLY A 3 1.76 -35.49 8.69
CA GLY A 3 2.05 -34.12 9.11
C GLY A 3 2.39 -33.17 7.96
N LEU A 4 1.99 -31.91 8.10
CA LEU A 4 2.24 -30.86 7.11
C LEU A 4 3.74 -30.71 6.74
N LEU A 5 4.65 -30.95 7.70
CA LEU A 5 6.08 -30.76 7.48
C LEU A 5 6.86 -32.06 7.66
N ASP A 6 6.21 -33.23 7.38
CA ASP A 6 6.83 -34.53 7.55
C ASP A 6 8.18 -34.63 6.82
N GLY A 7 9.21 -34.96 7.59
CA GLY A 7 10.57 -35.15 7.09
C GLY A 7 11.38 -33.89 6.87
N LYS A 8 10.75 -32.70 6.96
CA LYS A 8 11.48 -31.45 6.74
C LYS A 8 12.45 -31.13 7.87
N ARG A 9 13.64 -30.61 7.52
CA ARG A 9 14.65 -30.20 8.51
C ARG A 9 14.58 -28.69 8.63
N ILE A 10 14.19 -28.19 9.81
CA ILE A 10 13.94 -26.75 9.97
C ILE A 10 14.71 -26.15 11.15
N LEU A 11 15.38 -25.01 10.91
CA LEU A 11 16.07 -24.29 11.95
C LEU A 11 15.11 -23.25 12.52
N VAL A 12 15.02 -23.16 13.85
CA VAL A 12 14.13 -22.17 14.49
C VAL A 12 14.96 -21.38 15.52
N SER A 13 15.07 -20.06 15.30
CA SER A 13 15.77 -19.17 16.22
C SER A 13 14.72 -18.45 17.08
N GLY A 14 15.16 -17.78 18.15
CA GLY A 14 14.27 -16.89 18.89
C GLY A 14 13.54 -17.42 20.11
N ILE A 15 13.81 -18.67 20.54
CA ILE A 15 13.19 -19.12 21.79
C ILE A 15 13.96 -18.52 22.97
N ILE A 16 13.25 -17.83 23.89
CA ILE A 16 13.82 -17.40 25.17
C ILE A 16 12.92 -17.91 26.32
N THR A 17 11.57 -17.86 26.15
CA THR A 17 10.62 -18.38 27.16
C THR A 17 9.58 -19.27 26.45
N ASP A 18 8.67 -19.92 27.23
CA ASP A 18 7.61 -20.71 26.58
C ASP A 18 6.46 -19.82 26.09
N SER A 19 6.60 -18.50 26.24
CA SER A 19 5.65 -17.54 25.70
C SER A 19 6.20 -16.97 24.36
N SER A 20 7.50 -17.23 24.05
CA SER A 20 8.10 -16.77 22.79
C SER A 20 7.31 -17.28 21.61
N ILE A 21 7.09 -16.42 20.59
CA ILE A 21 6.40 -16.91 19.40
C ILE A 21 7.17 -18.11 18.79
N ALA A 22 8.51 -18.04 18.81
CA ALA A 22 9.34 -19.15 18.30
C ALA A 22 9.08 -20.48 19.01
N PHE A 23 8.74 -20.43 20.32
CA PHE A 23 8.44 -21.67 21.03
C PHE A 23 7.21 -22.36 20.41
N HIS A 24 6.19 -21.53 20.10
CA HIS A 24 4.95 -22.05 19.51
C HIS A 24 5.16 -22.46 18.09
N ILE A 25 6.05 -21.76 17.33
CA ILE A 25 6.36 -22.17 15.96
C ILE A 25 7.04 -23.55 16.00
N ALA A 26 8.02 -23.71 16.90
CA ALA A 26 8.73 -24.98 17.07
C ALA A 26 7.80 -26.10 17.44
N ARG A 27 6.89 -25.86 18.39
CA ARG A 27 5.95 -26.89 18.86
C ARG A 27 5.07 -27.36 17.71
N VAL A 28 4.41 -26.39 17.00
CA VAL A 28 3.55 -26.74 15.87
C VAL A 28 4.35 -27.49 14.78
N ALA A 29 5.57 -27.03 14.48
CA ALA A 29 6.39 -27.69 13.46
C ALA A 29 6.69 -29.14 13.85
N GLN A 30 6.99 -29.40 15.15
CA GLN A 30 7.25 -30.76 15.60
C GLN A 30 5.97 -31.62 15.56
N GLU A 31 4.81 -31.02 15.93
CA GLU A 31 3.53 -31.73 15.88
C GLU A 31 3.25 -32.18 14.45
N GLN A 32 3.74 -31.38 13.47
CA GLN A 32 3.58 -31.61 12.04
C GLN A 32 4.72 -32.42 11.38
N GLY A 33 5.54 -33.07 12.19
CA GLY A 33 6.57 -33.99 11.73
C GLY A 33 7.92 -33.42 11.34
N ALA A 34 8.16 -32.14 11.60
CA ALA A 34 9.47 -31.56 11.27
C ALA A 34 10.53 -32.00 12.27
N GLN A 35 11.79 -32.06 11.78
CA GLN A 35 12.98 -32.35 12.58
C GLN A 35 13.65 -31.00 12.76
N LEU A 36 13.78 -30.53 14.01
CA LEU A 36 14.30 -29.19 14.24
C LEU A 36 15.73 -29.10 14.68
N VAL A 37 16.32 -27.93 14.42
CA VAL A 37 17.60 -27.46 14.95
C VAL A 37 17.20 -26.11 15.56
N LEU A 38 17.54 -25.88 16.83
CA LEU A 38 17.16 -24.63 17.50
C LEU A 38 18.37 -23.76 17.74
N THR A 39 18.21 -22.43 17.66
CA THR A 39 19.29 -21.50 18.01
C THR A 39 18.85 -20.59 19.14
N GLY A 40 19.78 -20.32 20.04
CA GLY A 40 19.50 -19.47 21.19
C GLY A 40 20.59 -18.44 21.44
N PHE A 41 20.19 -17.36 22.14
CA PHE A 41 21.10 -16.28 22.46
C PHE A 41 21.33 -16.13 23.96
N ASP A 42 22.62 -16.06 24.32
CA ASP A 42 23.16 -15.75 25.64
C ASP A 42 22.84 -16.74 26.77
N ARG A 43 21.57 -16.90 27.15
CA ARG A 43 21.12 -17.72 28.28
C ARG A 43 20.79 -19.15 27.83
N LEU A 44 21.81 -19.86 27.31
CA LEU A 44 21.67 -21.20 26.74
C LEU A 44 21.17 -22.25 27.71
N ARG A 45 21.63 -22.22 28.98
CA ARG A 45 21.17 -23.18 29.99
C ARG A 45 19.68 -22.97 30.26
N LEU A 46 19.26 -21.71 30.36
CA LEU A 46 17.86 -21.35 30.55
C LEU A 46 17.05 -21.79 29.33
N ILE A 47 17.56 -21.54 28.11
CA ILE A 47 16.85 -21.91 26.89
C ILE A 47 16.67 -23.44 26.79
N GLN A 48 17.68 -24.23 27.16
CA GLN A 48 17.57 -25.70 27.17
C GLN A 48 16.43 -26.19 28.09
N ARG A 49 16.26 -25.56 29.26
CA ARG A 49 15.17 -25.91 30.18
C ARG A 49 13.83 -25.61 29.52
N ILE A 50 13.72 -24.53 28.73
CA ILE A 50 12.49 -24.19 28.03
C ILE A 50 12.26 -25.19 26.86
N THR A 51 13.32 -25.52 26.09
CA THR A 51 13.17 -26.40 24.93
C THR A 51 12.87 -27.85 25.37
N ASP A 52 13.12 -28.21 26.65
CA ASP A 52 12.73 -29.52 27.20
C ASP A 52 11.20 -29.65 27.25
N ARG A 53 10.47 -28.51 27.19
CA ARG A 53 8.99 -28.46 27.23
C ARG A 53 8.38 -28.73 25.85
N LEU A 54 9.21 -28.76 24.78
CA LEU A 54 8.71 -29.03 23.43
C LEU A 54 8.36 -30.52 23.31
N PRO A 55 7.47 -30.92 22.40
CA PRO A 55 7.12 -32.36 22.31
C PRO A 55 8.26 -33.31 21.93
N ALA A 56 9.32 -32.81 21.28
CA ALA A 56 10.45 -33.65 20.88
C ALA A 56 11.79 -32.98 21.16
N LYS A 57 12.83 -33.81 21.33
CA LYS A 57 14.19 -33.33 21.54
C LYS A 57 14.70 -32.67 20.25
N ALA A 58 15.55 -31.65 20.40
CA ALA A 58 16.15 -30.97 19.27
C ALA A 58 17.49 -30.38 19.70
N PRO A 59 18.54 -30.46 18.86
CA PRO A 59 19.81 -29.83 19.24
C PRO A 59 19.68 -28.31 19.33
N LEU A 60 20.34 -27.71 20.32
CA LEU A 60 20.34 -26.27 20.56
C LEU A 60 21.74 -25.72 20.31
N LEU A 61 21.83 -24.76 19.37
CA LEU A 61 23.10 -24.13 19.00
C LEU A 61 23.09 -22.69 19.44
N GLU A 62 24.26 -22.16 19.84
CA GLU A 62 24.35 -20.75 20.24
C GLU A 62 24.44 -19.88 19.01
N LEU A 63 23.64 -18.80 18.99
CA LEU A 63 23.72 -17.83 17.91
C LEU A 63 23.38 -16.44 18.40
N ASP A 64 24.41 -15.60 18.51
CA ASP A 64 24.26 -14.16 18.78
C ASP A 64 24.42 -13.55 17.38
N VAL A 65 23.32 -12.97 16.85
CA VAL A 65 23.36 -12.44 15.49
C VAL A 65 24.30 -11.23 15.31
N GLN A 66 24.77 -10.61 16.42
CA GLN A 66 25.74 -9.50 16.34
C GLN A 66 27.18 -10.02 16.33
N ASN A 67 27.34 -11.35 16.50
CA ASN A 67 28.64 -12.00 16.56
C ASN A 67 29.00 -12.63 15.20
N GLU A 68 29.94 -11.99 14.48
CA GLU A 68 30.39 -12.45 13.16
C GLU A 68 30.97 -13.86 13.17
N GLU A 69 31.64 -14.25 14.26
CA GLU A 69 32.22 -15.59 14.40
C GLU A 69 31.11 -16.64 14.49
N HIS A 70 30.02 -16.36 15.24
CA HIS A 70 28.89 -17.28 15.36
C HIS A 70 28.24 -17.49 13.98
N LEU A 71 28.10 -16.39 13.20
CA LEU A 71 27.50 -16.45 11.87
C LEU A 71 28.40 -17.21 10.88
N ALA A 72 29.73 -16.99 10.96
CA ALA A 72 30.70 -17.65 10.08
C ALA A 72 30.76 -19.17 10.30
N SER A 73 30.50 -19.63 11.53
CA SER A 73 30.55 -21.06 11.88
C SER A 73 29.19 -21.75 11.86
N LEU A 74 28.09 -20.99 11.74
CA LEU A 74 26.74 -21.51 11.85
C LEU A 74 26.42 -22.66 10.92
N ALA A 75 26.68 -22.51 9.59
CA ALA A 75 26.39 -23.58 8.64
C ALA A 75 27.10 -24.90 9.00
N GLY A 76 28.38 -24.81 9.38
CA GLY A 76 29.14 -25.98 9.80
C GLY A 76 28.56 -26.67 11.02
N ARG A 77 28.12 -25.86 12.01
CA ARG A 77 27.54 -26.37 13.26
C ARG A 77 26.18 -27.01 13.01
N VAL A 78 25.36 -26.41 12.11
CA VAL A 78 24.07 -26.98 11.73
C VAL A 78 24.31 -28.31 11.01
N THR A 79 25.27 -28.35 10.05
CA THR A 79 25.59 -29.59 9.31
C THR A 79 25.99 -30.72 10.29
N GLU A 80 26.76 -30.40 11.35
CA GLU A 80 27.15 -31.40 12.36
C GLU A 80 25.89 -31.93 13.07
N ALA A 81 24.95 -31.03 13.40
CA ALA A 81 23.71 -31.38 14.08
C ALA A 81 22.74 -32.24 13.23
N ILE A 82 22.62 -31.97 11.93
CA ILE A 82 21.68 -32.70 11.05
C ILE A 82 22.33 -33.86 10.29
N GLY A 83 23.66 -33.90 10.26
CA GLY A 83 24.41 -34.94 9.56
C GLY A 83 24.92 -34.51 8.21
N ALA A 84 26.19 -34.88 7.89
CA ALA A 84 26.83 -34.56 6.61
C ALA A 84 25.98 -35.14 5.49
N GLY A 85 25.81 -34.36 4.42
CA GLY A 85 24.98 -34.78 3.28
C GLY A 85 23.54 -34.35 3.38
N ASN A 86 23.11 -33.85 4.57
CA ASN A 86 21.75 -33.34 4.76
C ASN A 86 21.75 -31.82 4.76
N LYS A 87 20.67 -31.24 4.27
CA LYS A 87 20.49 -29.80 4.22
C LYS A 87 19.17 -29.40 4.86
N LEU A 88 19.02 -28.10 5.15
CA LEU A 88 17.79 -27.58 5.73
C LEU A 88 16.75 -27.33 4.65
N ASP A 89 15.48 -27.52 5.02
CA ASP A 89 14.33 -27.17 4.17
C ASP A 89 13.68 -25.87 4.65
N GLY A 90 13.90 -25.49 5.90
CA GLY A 90 13.32 -24.27 6.45
C GLY A 90 14.21 -23.55 7.45
N VAL A 91 13.99 -22.24 7.56
CA VAL A 91 14.69 -21.35 8.49
C VAL A 91 13.65 -20.39 9.03
N VAL A 92 13.58 -20.26 10.36
CA VAL A 92 12.68 -19.30 10.99
C VAL A 92 13.50 -18.27 11.77
N HIS A 93 13.31 -16.99 11.42
CA HIS A 93 13.89 -15.85 12.13
C HIS A 93 12.78 -15.32 13.02
N SER A 94 12.94 -15.43 14.36
CA SER A 94 11.93 -14.90 15.29
C SER A 94 12.68 -14.14 16.38
N ILE A 95 13.45 -13.15 15.93
CA ILE A 95 14.39 -12.36 16.73
C ILE A 95 14.04 -10.87 16.64
N GLY A 96 14.10 -10.19 17.77
CA GLY A 96 13.88 -8.76 17.80
C GLY A 96 14.42 -8.18 19.09
N PHE A 97 14.80 -6.92 19.03
CA PHE A 97 15.33 -6.21 20.19
C PHE A 97 15.30 -4.73 19.93
N MET A 98 14.88 -3.98 20.95
CA MET A 98 14.98 -2.53 20.94
C MET A 98 15.10 -2.05 22.37
N PRO A 99 16.15 -1.28 22.76
CA PRO A 99 16.25 -0.81 24.15
C PRO A 99 15.05 0.07 24.51
N GLN A 100 14.77 0.21 25.83
CA GLN A 100 13.70 1.08 26.35
C GLN A 100 13.82 2.54 25.87
N THR A 101 15.05 3.01 25.48
CA THR A 101 15.19 4.37 24.93
C THR A 101 14.50 4.49 23.55
N GLY A 102 14.32 3.37 22.85
CA GLY A 102 13.71 3.36 21.51
C GLY A 102 12.29 2.82 21.39
N MET A 103 11.71 2.26 22.46
CA MET A 103 10.38 1.64 22.42
C MET A 103 9.84 1.71 23.85
N GLY A 104 8.60 2.17 24.02
CA GLY A 104 7.98 2.28 25.33
C GLY A 104 7.49 3.67 25.63
N ILE A 105 7.90 4.23 26.77
CA ILE A 105 7.46 5.56 27.19
C ILE A 105 8.42 6.68 26.81
N ASN A 106 9.65 6.34 26.41
CA ASN A 106 10.65 7.36 26.12
C ASN A 106 10.24 8.15 24.86
N PRO A 107 10.33 9.50 24.86
CA PRO A 107 9.97 10.24 23.64
C PRO A 107 10.74 9.74 22.42
N PHE A 108 10.07 9.70 21.26
CA PHE A 108 10.67 9.25 20.01
C PHE A 108 12.01 9.98 19.73
N PHE A 109 12.07 11.28 20.01
CA PHE A 109 13.29 12.07 19.74
C PHE A 109 14.45 11.82 20.72
N ASP A 110 14.19 11.14 21.84
CA ASP A 110 15.22 10.94 22.84
C ASP A 110 15.97 9.62 22.71
N ALA A 111 15.72 8.84 21.64
CA ALA A 111 16.44 7.60 21.48
C ALA A 111 17.81 7.87 20.85
N PRO A 112 18.93 7.56 21.54
CA PRO A 112 20.25 7.78 20.94
C PRO A 112 20.49 6.80 19.79
N TYR A 113 21.25 7.23 18.76
CA TYR A 113 21.48 6.35 17.62
C TYR A 113 22.16 5.03 17.99
N ALA A 114 23.08 5.01 18.98
CA ALA A 114 23.71 3.73 19.32
C ALA A 114 22.65 2.69 19.69
N ASP A 115 21.58 3.10 20.41
CA ASP A 115 20.49 2.19 20.80
C ASP A 115 19.66 1.78 19.58
N VAL A 116 19.29 2.74 18.73
CA VAL A 116 18.52 2.45 17.51
C VAL A 116 19.30 1.49 16.61
N SER A 117 20.59 1.76 16.39
CA SER A 117 21.46 0.92 15.54
C SER A 117 21.55 -0.52 16.06
N LYS A 118 21.68 -0.71 17.37
CA LYS A 118 21.71 -2.07 17.93
C LYS A 118 20.36 -2.76 17.65
N GLY A 119 19.25 -2.04 17.86
CA GLY A 119 17.93 -2.60 17.56
C GLY A 119 17.75 -2.97 16.10
N ILE A 120 18.23 -2.12 15.15
CA ILE A 120 18.08 -2.44 13.73
C ILE A 120 19.02 -3.60 13.34
N HIS A 121 20.20 -3.67 13.95
CA HIS A 121 21.14 -4.77 13.67
C HIS A 121 20.45 -6.10 13.98
N ILE A 122 19.92 -6.23 15.22
CA ILE A 122 19.31 -7.48 15.65
C ILE A 122 17.97 -7.75 14.99
N SER A 123 17.14 -6.70 14.79
CA SER A 123 15.78 -6.89 14.32
C SER A 123 15.60 -6.94 12.80
N ALA A 124 16.52 -6.30 12.05
CA ALA A 124 16.36 -6.25 10.59
C ALA A 124 17.57 -6.79 9.81
N TYR A 125 18.76 -6.21 10.05
CA TYR A 125 19.97 -6.66 9.30
C TYR A 125 20.21 -8.17 9.49
N SER A 126 19.95 -8.71 10.71
CA SER A 126 20.19 -10.14 10.98
C SER A 126 19.36 -11.09 10.11
N TYR A 127 18.24 -10.60 9.53
CA TYR A 127 17.46 -11.45 8.62
C TYR A 127 18.33 -11.75 7.38
N ALA A 128 19.07 -10.73 6.87
CA ALA A 128 20.00 -10.94 5.76
C ALA A 128 21.21 -11.80 6.23
N SER A 129 21.76 -11.54 7.45
CA SER A 129 22.90 -12.30 8.00
C SER A 129 22.57 -13.79 8.06
N MET A 130 21.37 -14.14 8.58
CA MET A 130 20.97 -15.52 8.70
C MET A 130 20.79 -16.18 7.34
N ALA A 131 20.18 -15.45 6.38
CA ALA A 131 20.02 -16.00 5.03
C ALA A 131 21.39 -16.21 4.36
N LYS A 132 22.34 -15.28 4.56
CA LYS A 132 23.68 -15.41 3.99
C LYS A 132 24.35 -16.68 4.50
N ALA A 133 24.26 -16.93 5.81
CA ALA A 133 24.90 -18.08 6.45
C ALA A 133 24.25 -19.40 6.07
N LEU A 134 22.92 -19.41 5.94
CA LEU A 134 22.18 -20.66 5.76
C LEU A 134 21.79 -21.06 4.34
N LEU A 135 21.64 -20.12 3.40
CA LEU A 135 21.27 -20.49 2.02
C LEU A 135 22.23 -21.54 1.42
N PRO A 136 23.58 -21.48 1.67
CA PRO A 136 24.45 -22.53 1.12
C PRO A 136 24.15 -23.94 1.63
N ILE A 137 23.34 -24.06 2.72
CA ILE A 137 22.97 -25.38 3.26
C ILE A 137 21.43 -25.59 3.23
N MET A 138 20.75 -24.97 2.25
CA MET A 138 19.29 -25.13 2.08
C MET A 138 18.97 -25.88 0.79
N ASN A 139 17.96 -26.75 0.85
CA ASN A 139 17.52 -27.49 -0.32
C ASN A 139 16.61 -26.65 -1.23
N PRO A 140 16.58 -26.94 -2.57
CA PRO A 140 15.59 -26.28 -3.44
C PRO A 140 14.19 -26.61 -2.90
N GLY A 141 13.26 -25.66 -3.04
CA GLY A 141 11.91 -25.77 -2.50
C GLY A 141 11.85 -25.30 -1.05
N GLY A 142 13.01 -24.90 -0.50
CA GLY A 142 13.14 -24.44 0.87
C GLY A 142 12.40 -23.14 1.17
N SER A 143 12.33 -22.76 2.45
CA SER A 143 11.56 -21.59 2.89
C SER A 143 12.20 -20.89 4.08
N ILE A 144 12.39 -19.56 3.98
CA ILE A 144 12.88 -18.73 5.09
C ILE A 144 11.72 -17.86 5.51
N VAL A 145 11.40 -17.84 6.82
CA VAL A 145 10.26 -17.05 7.32
C VAL A 145 10.72 -16.19 8.48
N GLY A 146 10.35 -14.91 8.48
CA GLY A 146 10.66 -14.01 9.57
C GLY A 146 9.41 -13.40 10.17
N MET A 147 9.50 -12.94 11.43
CA MET A 147 8.35 -12.34 12.12
C MET A 147 8.33 -10.85 11.97
N ASP A 148 7.14 -10.30 11.68
CA ASP A 148 6.95 -8.86 11.45
C ASP A 148 5.75 -8.35 12.26
N PHE A 149 5.66 -7.02 12.43
CA PHE A 149 4.51 -6.36 13.06
C PHE A 149 4.27 -5.18 12.13
N ASP A 150 3.08 -5.13 11.48
CA ASP A 150 2.77 -4.15 10.45
C ASP A 150 3.21 -2.73 10.84
N PRO A 151 4.21 -2.18 10.11
CA PRO A 151 4.72 -0.84 10.42
C PRO A 151 4.31 0.23 9.39
N SER A 152 3.28 -0.06 8.57
N SER A 152 3.30 -0.06 8.55
CA SER A 152 2.84 0.85 7.50
CA SER A 152 2.89 0.88 7.50
C SER A 152 2.30 2.17 8.03
C SER A 152 2.32 2.18 8.03
N ARG A 153 1.87 2.20 9.30
CA ARG A 153 1.34 3.40 9.97
C ARG A 153 2.03 3.56 11.30
N ALA A 154 2.27 4.82 11.73
CA ALA A 154 2.87 5.06 13.03
C ALA A 154 1.83 4.76 14.14
N MET A 155 2.33 4.55 15.36
CA MET A 155 1.48 4.20 16.49
C MET A 155 2.14 4.58 17.79
N PRO A 156 1.38 4.64 18.91
CA PRO A 156 2.04 4.94 20.19
C PRO A 156 3.02 3.86 20.60
N ALA A 157 4.06 4.25 21.37
CA ALA A 157 5.06 3.41 22.05
C ALA A 157 6.01 2.59 21.18
N TYR A 158 5.52 1.98 20.07
CA TYR A 158 6.38 1.08 19.28
C TYR A 158 7.57 1.80 18.68
N ASN A 159 7.40 3.11 18.38
CA ASN A 159 8.48 4.03 18.04
C ASN A 159 9.57 3.43 17.13
N TRP A 160 10.83 3.33 17.59
CA TRP A 160 11.91 2.87 16.72
C TRP A 160 11.84 1.39 16.38
N MET A 161 11.07 0.58 17.15
CA MET A 161 10.90 -0.81 16.74
C MET A 161 10.03 -0.82 15.44
N THR A 162 9.09 0.16 15.30
CA THR A 162 8.30 0.26 14.06
C THR A 162 9.25 0.52 12.87
N VAL A 163 10.23 1.42 13.07
CA VAL A 163 11.22 1.76 12.05
C VAL A 163 12.03 0.50 11.69
N ALA A 164 12.45 -0.29 12.72
CA ALA A 164 13.18 -1.54 12.48
C ALA A 164 12.35 -2.51 11.65
N LYS A 165 11.03 -2.60 11.92
CA LYS A 165 10.17 -3.49 11.10
C LYS A 165 10.03 -3.00 9.66
N SER A 166 9.93 -1.67 9.46
CA SER A 166 9.89 -1.10 8.10
C SER A 166 11.19 -1.50 7.36
N ALA A 167 12.36 -1.43 8.05
CA ALA A 167 13.62 -1.85 7.45
C ALA A 167 13.58 -3.37 7.15
N LEU A 168 13.07 -4.19 8.12
CA LEU A 168 12.98 -5.65 7.93
C LEU A 168 12.17 -6.03 6.68
N GLU A 169 11.01 -5.36 6.47
CA GLU A 169 10.19 -5.64 5.28
C GLU A 169 10.99 -5.41 4.00
N SER A 170 11.80 -4.33 3.97
CA SER A 170 12.61 -4.02 2.79
C SER A 170 13.72 -5.10 2.63
N VAL A 171 14.40 -5.46 3.76
CA VAL A 171 15.45 -6.50 3.76
C VAL A 171 14.85 -7.82 3.19
N ASN A 172 13.62 -8.19 3.62
CA ASN A 172 12.96 -9.43 3.14
C ASN A 172 12.86 -9.45 1.61
N ARG A 173 12.53 -8.31 0.99
CA ARG A 173 12.41 -8.28 -0.47
C ARG A 173 13.76 -8.53 -1.17
N PHE A 174 14.88 -8.06 -0.56
CA PHE A 174 16.20 -8.31 -1.13
C PHE A 174 16.68 -9.72 -0.84
N VAL A 175 16.36 -10.25 0.38
CA VAL A 175 16.72 -11.64 0.68
C VAL A 175 16.01 -12.58 -0.33
N ALA A 176 14.77 -12.25 -0.71
CA ALA A 176 14.02 -13.09 -1.69
C ALA A 176 14.78 -13.18 -3.02
N ARG A 177 15.40 -12.06 -3.45
CA ARG A 177 16.19 -12.06 -4.70
C ARG A 177 17.37 -13.05 -4.61
N GLU A 178 18.06 -13.07 -3.46
CA GLU A 178 19.18 -13.99 -3.29
C GLU A 178 18.70 -15.42 -3.12
N ALA A 179 17.67 -15.61 -2.27
CA ALA A 179 17.15 -16.96 -1.99
C ALA A 179 16.61 -17.65 -3.26
N GLY A 180 16.05 -16.86 -4.19
CA GLY A 180 15.52 -17.40 -5.44
C GLY A 180 16.56 -18.16 -6.26
N LYS A 181 17.84 -17.76 -6.16
CA LYS A 181 18.96 -18.40 -6.87
C LYS A 181 19.15 -19.85 -6.41
N TYR A 182 18.70 -20.15 -5.18
CA TYR A 182 18.77 -21.48 -4.54
C TYR A 182 17.43 -22.22 -4.62
N GLY A 183 16.43 -21.61 -5.26
CA GLY A 183 15.08 -22.16 -5.36
C GLY A 183 14.38 -22.11 -4.02
N VAL A 184 14.73 -21.09 -3.19
CA VAL A 184 14.21 -20.91 -1.84
C VAL A 184 13.35 -19.64 -1.75
N ARG A 185 12.24 -19.71 -1.01
CA ARG A 185 11.33 -18.58 -0.79
C ARG A 185 11.75 -17.84 0.50
N SER A 186 11.42 -16.53 0.58
CA SER A 186 11.64 -15.71 1.77
C SER A 186 10.39 -14.90 2.01
N ASN A 187 9.80 -15.01 3.20
CA ASN A 187 8.56 -14.26 3.49
C ASN A 187 8.50 -13.87 4.94
N LEU A 188 7.66 -12.85 5.25
CA LEU A 188 7.44 -12.49 6.64
C LEU A 188 6.00 -12.78 7.02
N VAL A 189 5.78 -13.10 8.31
CA VAL A 189 4.44 -13.21 8.87
C VAL A 189 4.24 -12.00 9.76
N ALA A 190 3.25 -11.14 9.43
CA ALA A 190 2.93 -9.96 10.24
C ALA A 190 1.84 -10.40 11.19
N ALA A 191 2.21 -10.55 12.47
CA ALA A 191 1.25 -11.02 13.47
C ALA A 191 0.57 -9.86 14.19
N GLY A 192 -0.61 -10.12 14.73
CA GLY A 192 -1.26 -9.19 15.66
C GLY A 192 -0.50 -9.24 16.98
N PRO A 193 -0.84 -8.38 17.96
CA PRO A 193 -0.09 -8.36 19.23
C PRO A 193 -0.30 -9.63 20.04
N ILE A 194 0.80 -10.15 20.62
CA ILE A 194 0.79 -11.38 21.40
C ILE A 194 1.38 -11.07 22.79
N ARG A 195 0.65 -11.51 23.83
CA ARG A 195 1.11 -11.32 25.22
C ARG A 195 2.33 -12.22 25.57
N THR A 196 3.52 -11.78 25.12
CA THR A 196 4.81 -12.39 25.41
C THR A 196 5.31 -11.66 26.67
N LEU A 197 6.55 -11.88 27.12
CA LEU A 197 7.07 -11.23 28.33
C LEU A 197 7.14 -9.71 28.18
N GLY A 205 1.08 -2.80 33.95
CA GLY A 205 1.25 -1.50 34.59
C GLY A 205 2.70 -1.11 34.80
N ALA A 206 3.65 -1.96 34.36
CA ALA A 206 5.09 -1.71 34.48
C ALA A 206 5.53 -0.41 33.80
N LEU A 207 4.80 0.08 32.76
CA LEU A 207 5.16 1.32 32.06
C LEU A 207 4.35 2.58 32.49
N GLY A 208 3.51 2.45 33.52
CA GLY A 208 2.73 3.57 34.04
C GLY A 208 1.31 3.59 33.55
N GLU A 209 0.47 4.40 34.20
CA GLU A 209 -0.97 4.54 33.94
C GLU A 209 -1.28 5.01 32.52
N GLU A 210 -0.67 6.13 32.09
CA GLU A 210 -0.89 6.76 30.78
C GLU A 210 -0.54 5.85 29.61
N ALA A 211 0.72 5.34 29.57
CA ALA A 211 1.18 4.44 28.51
C ALA A 211 0.44 3.12 28.54
N GLY A 212 0.15 2.63 29.74
CA GLY A 212 -0.59 1.39 29.96
C GLY A 212 -1.97 1.45 29.33
N ALA A 213 -2.69 2.59 29.51
CA ALA A 213 -4.03 2.79 28.96
C ALA A 213 -3.98 2.91 27.43
N GLN A 214 -2.95 3.60 26.90
CA GLN A 214 -2.77 3.78 25.46
C GLN A 214 -2.50 2.45 24.75
N ILE A 215 -1.61 1.63 25.33
CA ILE A 215 -1.27 0.33 24.76
C ILE A 215 -2.46 -0.63 24.89
N GLN A 216 -3.24 -0.53 26.00
CA GLN A 216 -4.42 -1.34 26.18
C GLN A 216 -5.45 -1.00 25.09
N LEU A 217 -5.64 0.30 24.78
CA LEU A 217 -6.57 0.73 23.73
C LEU A 217 -6.13 0.22 22.36
N LEU A 218 -4.80 0.22 22.10
CA LEU A 218 -4.22 -0.25 20.84
C LEU A 218 -4.54 -1.74 20.65
N GLU A 219 -4.44 -2.53 21.74
CA GLU A 219 -4.78 -3.96 21.80
C GLU A 219 -6.25 -4.30 21.62
N GLU A 220 -7.14 -3.64 22.37
CA GLU A 220 -8.58 -3.83 22.30
C GLU A 220 -9.11 -3.50 20.90
N GLY A 221 -8.59 -2.44 20.28
CA GLY A 221 -8.96 -2.01 18.92
C GLY A 221 -8.72 -3.12 17.90
N TRP A 222 -7.67 -3.91 18.10
CA TRP A 222 -7.30 -5.01 17.24
C TRP A 222 -8.39 -6.12 17.17
N ASP A 223 -8.81 -6.62 18.34
CA ASP A 223 -9.89 -7.59 18.41
C ASP A 223 -11.20 -6.95 17.88
N GLN A 224 -11.41 -5.63 18.07
CA GLN A 224 -12.62 -4.99 17.54
C GLN A 224 -12.62 -4.93 16.01
N ARG A 225 -11.47 -4.57 15.38
CA ARG A 225 -11.31 -4.44 13.92
C ARG A 225 -11.35 -5.78 13.22
N ALA A 226 -10.73 -6.78 13.85
CA ALA A 226 -10.57 -8.11 13.25
C ALA A 226 -11.93 -8.75 12.97
N PRO A 227 -12.32 -9.01 11.69
CA PRO A 227 -13.65 -9.63 11.46
C PRO A 227 -13.85 -10.99 12.15
N ILE A 228 -12.75 -11.72 12.40
CA ILE A 228 -12.81 -13.03 13.08
C ILE A 228 -12.28 -12.95 14.51
N GLY A 229 -12.07 -11.71 14.99
CA GLY A 229 -11.55 -11.48 16.33
C GLY A 229 -10.06 -11.72 16.43
N TRP A 230 -9.48 -11.35 17.57
CA TRP A 230 -8.06 -11.55 17.81
C TRP A 230 -7.84 -11.90 19.28
N ASN A 231 -7.23 -13.06 19.52
CA ASN A 231 -6.93 -13.51 20.89
C ASN A 231 -5.45 -13.20 21.18
N MET A 232 -5.17 -12.10 21.91
CA MET A 232 -3.80 -11.70 22.23
C MET A 232 -3.03 -12.74 23.06
N LYS A 233 -3.73 -13.66 23.72
CA LYS A 233 -3.05 -14.65 24.57
C LYS A 233 -2.44 -15.81 23.80
N ASP A 234 -2.88 -15.99 22.55
CA ASP A 234 -2.62 -17.21 21.79
C ASP A 234 -1.76 -17.05 20.53
N ALA A 235 -0.54 -17.57 20.60
CA ALA A 235 0.36 -17.53 19.43
C ALA A 235 0.11 -18.66 18.43
N THR A 236 -0.76 -19.65 18.77
CA THR A 236 -0.97 -20.82 17.88
C THR A 236 -1.40 -20.42 16.45
N PRO A 237 -2.35 -19.47 16.23
CA PRO A 237 -2.72 -19.11 14.83
C PRO A 237 -1.52 -18.53 14.05
N VAL A 238 -0.62 -17.83 14.76
CA VAL A 238 0.59 -17.27 14.15
C VAL A 238 1.57 -18.42 13.81
N ALA A 239 1.79 -19.32 14.77
CA ALA A 239 2.67 -20.47 14.53
C ALA A 239 2.16 -21.30 13.33
N LYS A 240 0.82 -21.54 13.22
CA LYS A 240 0.26 -22.30 12.10
C LYS A 240 0.54 -21.59 10.78
N THR A 241 0.44 -20.25 10.76
CA THR A 241 0.69 -19.45 9.55
C THR A 241 2.17 -19.59 9.12
N VAL A 242 3.12 -19.52 10.07
CA VAL A 242 4.53 -19.73 9.75
C VAL A 242 4.70 -21.15 9.16
N CYS A 243 4.07 -22.18 9.78
CA CYS A 243 4.18 -23.54 9.23
C CYS A 243 3.58 -23.65 7.82
N ALA A 244 2.49 -22.89 7.51
CA ALA A 244 1.95 -22.90 6.14
C ALA A 244 3.03 -22.41 5.17
N LEU A 245 3.78 -21.35 5.54
CA LEU A 245 4.85 -20.83 4.67
C LEU A 245 6.03 -21.79 4.58
N LEU A 246 6.29 -22.58 5.64
CA LEU A 246 7.38 -23.56 5.62
C LEU A 246 7.01 -24.79 4.78
N SER A 247 5.71 -25.00 4.56
CA SER A 247 5.20 -26.15 3.81
C SER A 247 5.34 -25.98 2.31
N ASP A 248 4.88 -26.98 1.55
CA ASP A 248 4.91 -26.94 0.08
C ASP A 248 3.63 -26.30 -0.48
N TRP A 249 2.73 -25.76 0.39
CA TRP A 249 1.41 -25.27 0.00
C TRP A 249 1.31 -23.78 -0.38
N LEU A 250 2.43 -23.02 -0.30
CA LEU A 250 2.45 -21.62 -0.79
C LEU A 250 3.72 -21.51 -1.67
N PRO A 251 3.78 -22.33 -2.76
CA PRO A 251 5.03 -22.46 -3.53
C PRO A 251 5.37 -21.31 -4.44
N ALA A 252 4.43 -20.39 -4.63
CA ALA A 252 4.64 -19.27 -5.56
C ALA A 252 4.61 -17.91 -4.85
N THR A 253 4.88 -17.90 -3.54
CA THR A 253 4.89 -16.68 -2.74
C THR A 253 6.29 -16.43 -2.24
N THR A 254 6.86 -15.25 -2.56
CA THR A 254 8.19 -14.87 -2.05
C THR A 254 8.35 -13.35 -2.02
N GLY A 255 9.27 -12.88 -1.17
CA GLY A 255 9.53 -11.46 -0.93
C GLY A 255 8.31 -10.78 -0.31
N ASP A 256 7.39 -11.58 0.26
CA ASP A 256 6.08 -11.10 0.64
C ASP A 256 5.78 -11.12 2.11
N ILE A 257 4.58 -10.64 2.46
CA ILE A 257 4.12 -10.57 3.84
C ILE A 257 2.75 -11.20 3.93
N ILE A 258 2.58 -12.17 4.85
CA ILE A 258 1.28 -12.81 5.11
C ILE A 258 0.85 -12.28 6.48
N TYR A 259 -0.39 -11.77 6.57
CA TYR A 259 -0.89 -11.19 7.82
C TYR A 259 -1.69 -12.20 8.62
N ALA A 260 -1.19 -12.51 9.82
CA ALA A 260 -1.88 -13.42 10.77
C ALA A 260 -2.31 -12.52 11.92
N ASP A 261 -3.35 -11.69 11.64
CA ASP A 261 -3.75 -10.62 12.57
C ASP A 261 -5.27 -10.52 12.75
N GLY A 262 -6.01 -11.58 12.40
CA GLY A 262 -7.46 -11.63 12.46
C GLY A 262 -8.13 -10.78 11.38
N GLY A 263 -7.33 -10.29 10.42
CA GLY A 263 -7.83 -9.39 9.37
C GLY A 263 -7.91 -7.94 9.85
N ALA A 264 -7.36 -7.62 11.04
CA ALA A 264 -7.44 -6.24 11.55
C ALA A 264 -6.90 -5.16 10.61
N HIS A 265 -5.79 -5.46 9.91
CA HIS A 265 -5.18 -4.43 9.05
C HIS A 265 -6.04 -4.10 7.81
N THR A 266 -7.11 -4.89 7.55
CA THR A 266 -7.95 -4.71 6.37
C THR A 266 -9.19 -3.85 6.67
N GLN A 267 -9.33 -3.44 7.95
CA GLN A 267 -10.51 -2.71 8.42
C GLN A 267 -10.13 -1.42 9.11
N LEU A 268 -10.86 -0.34 8.81
CA LEU A 268 -10.53 0.94 9.45
C LEU A 268 -11.10 0.99 10.85
N LEU A 269 -12.36 0.54 10.98
CA LEU A 269 -13.09 0.48 12.24
C LEU A 269 -14.11 -0.66 12.12
N GLY B 3 -2.35 35.60 -8.06
CA GLY B 3 -3.02 34.38 -7.61
C GLY B 3 -2.41 33.10 -8.14
N LEU B 4 -2.55 32.01 -7.36
CA LEU B 4 -2.02 30.68 -7.70
C LEU B 4 -2.50 30.17 -9.08
N LEU B 5 -3.73 30.52 -9.47
CA LEU B 5 -4.32 30.03 -10.72
C LEU B 5 -4.65 31.16 -11.71
N ASP B 6 -3.88 32.28 -11.64
CA ASP B 6 -4.12 33.45 -12.50
C ASP B 6 -4.16 33.07 -13.97
N GLY B 7 -5.23 33.45 -14.62
CA GLY B 7 -5.46 33.21 -16.05
C GLY B 7 -5.94 31.83 -16.43
N LYS B 8 -5.93 30.86 -15.49
CA LYS B 8 -6.34 29.50 -15.81
C LYS B 8 -7.84 29.37 -16.02
N ARG B 9 -8.25 28.56 -17.03
CA ARG B 9 -9.68 28.31 -17.33
C ARG B 9 -9.99 26.93 -16.76
N ILE B 10 -10.87 26.86 -15.76
CA ILE B 10 -11.12 25.59 -15.05
C ILE B 10 -12.59 25.24 -14.96
N LEU B 11 -12.93 23.99 -15.32
CA LEU B 11 -14.29 23.49 -15.23
C LEU B 11 -14.45 22.83 -13.86
N VAL B 12 -15.53 23.18 -13.13
CA VAL B 12 -15.80 22.61 -11.81
C VAL B 12 -17.20 22.01 -11.81
N SER B 13 -17.30 20.67 -11.63
CA SER B 13 -18.58 19.96 -11.53
C SER B 13 -18.88 19.74 -10.06
N GLY B 14 -20.12 19.36 -9.76
CA GLY B 14 -20.45 18.89 -8.41
C GLY B 14 -20.98 19.86 -7.39
N ILE B 15 -21.27 21.11 -7.76
CA ILE B 15 -21.93 22.03 -6.81
C ILE B 15 -23.41 21.69 -6.74
N ILE B 16 -23.93 21.49 -5.51
CA ILE B 16 -25.37 21.33 -5.27
C ILE B 16 -25.78 22.29 -4.13
N THR B 17 -24.94 22.41 -3.06
CA THR B 17 -25.21 23.35 -1.94
C THR B 17 -23.95 24.16 -1.67
N ASP B 18 -24.02 25.15 -0.74
CA ASP B 18 -22.80 25.91 -0.41
C ASP B 18 -21.91 25.12 0.57
N SER B 19 -22.33 23.89 0.95
CA SER B 19 -21.57 22.95 1.78
C SER B 19 -20.81 21.96 0.87
N SER B 20 -21.19 21.89 -0.44
CA SER B 20 -20.52 20.97 -1.40
C SER B 20 -19.03 21.25 -1.40
N ILE B 21 -18.20 20.18 -1.43
CA ILE B 21 -16.77 20.38 -1.54
C ILE B 21 -16.47 21.22 -2.81
N ALA B 22 -17.21 20.97 -3.92
CA ALA B 22 -17.02 21.72 -5.16
C ALA B 22 -17.29 23.22 -5.00
N PHE B 23 -18.19 23.61 -4.07
CA PHE B 23 -18.43 25.04 -3.87
C PHE B 23 -17.16 25.68 -3.32
N HIS B 24 -16.52 25.02 -2.35
CA HIS B 24 -15.29 25.55 -1.74
C HIS B 24 -14.14 25.51 -2.74
N ILE B 25 -14.06 24.47 -3.58
CA ILE B 25 -13.02 24.43 -4.62
C ILE B 25 -13.21 25.63 -5.56
N ALA B 26 -14.46 25.87 -6.01
CA ALA B 26 -14.74 26.98 -6.91
C ALA B 26 -14.40 28.34 -6.25
N ARG B 27 -14.77 28.54 -4.98
CA ARG B 27 -14.52 29.80 -4.26
C ARG B 27 -13.00 30.06 -4.18
N VAL B 28 -12.22 29.06 -3.71
CA VAL B 28 -10.76 29.22 -3.60
C VAL B 28 -10.13 29.46 -4.99
N ALA B 29 -10.57 28.72 -6.02
CA ALA B 29 -10.02 28.89 -7.36
C ALA B 29 -10.25 30.33 -7.87
N GLN B 30 -11.46 30.88 -7.64
CA GLN B 30 -11.74 32.26 -8.05
C GLN B 30 -10.92 33.28 -7.25
N GLU B 31 -10.73 33.05 -5.93
CA GLU B 31 -9.92 33.92 -5.08
C GLU B 31 -8.49 33.95 -5.62
N GLN B 32 -8.06 32.83 -6.24
CA GLN B 32 -6.72 32.65 -6.80
C GLN B 32 -6.61 32.99 -8.32
N GLY B 33 -7.60 33.68 -8.84
CA GLY B 33 -7.58 34.22 -10.20
C GLY B 33 -8.05 33.35 -11.34
N ALA B 34 -8.62 32.17 -11.03
CA ALA B 34 -9.12 31.28 -12.09
C ALA B 34 -10.44 31.77 -12.69
N GLN B 35 -10.63 31.51 -13.99
CA GLN B 35 -11.87 31.80 -14.72
C GLN B 35 -12.61 30.46 -14.80
N LEU B 36 -13.79 30.38 -14.19
CA LEU B 36 -14.48 29.10 -14.13
C LEU B 36 -15.62 28.89 -15.12
N VAL B 37 -15.88 27.60 -15.40
CA VAL B 37 -17.06 27.08 -16.09
C VAL B 37 -17.60 26.07 -15.08
N LEU B 38 -18.89 26.18 -14.72
CA LEU B 38 -19.46 25.25 -13.74
C LEU B 38 -20.44 24.29 -14.39
N THR B 39 -20.52 23.04 -13.86
CA THR B 39 -21.52 22.10 -14.37
C THR B 39 -22.39 21.63 -13.22
N GLY B 40 -23.68 21.51 -13.51
CA GLY B 40 -24.65 21.09 -12.52
C GLY B 40 -25.55 19.98 -13.01
N PHE B 41 -26.07 19.20 -12.06
CA PHE B 41 -26.98 18.10 -12.34
C PHE B 41 -28.37 18.33 -11.78
N ASP B 42 -29.36 18.14 -12.67
CA ASP B 42 -30.81 18.10 -12.41
C ASP B 42 -31.45 19.40 -11.91
N ARG B 43 -31.04 19.89 -10.72
CA ARG B 43 -31.65 21.05 -10.07
C ARG B 43 -30.97 22.38 -10.45
N LEU B 44 -30.96 22.69 -11.75
CA LEU B 44 -30.25 23.84 -12.31
C LEU B 44 -30.67 25.20 -11.76
N ARG B 45 -31.99 25.44 -11.58
CA ARG B 45 -32.43 26.74 -11.04
C ARG B 45 -31.92 26.91 -9.60
N LEU B 46 -31.99 25.82 -8.83
CA LEU B 46 -31.50 25.80 -7.46
C LEU B 46 -29.96 26.00 -7.43
N ILE B 47 -29.23 25.30 -8.32
CA ILE B 47 -27.77 25.44 -8.38
C ILE B 47 -27.36 26.88 -8.73
N GLN B 48 -28.09 27.54 -9.66
CA GLN B 48 -27.80 28.93 -10.01
C GLN B 48 -27.91 29.87 -8.79
N ARG B 49 -28.90 29.65 -7.91
CA ARG B 49 -29.06 30.46 -6.69
C ARG B 49 -27.85 30.26 -5.74
N ILE B 50 -27.29 29.03 -5.70
CA ILE B 50 -26.12 28.74 -4.90
C ILE B 50 -24.87 29.37 -5.52
N THR B 51 -24.67 29.21 -6.84
CA THR B 51 -23.45 29.73 -7.48
C THR B 51 -23.44 31.27 -7.55
N ASP B 52 -24.60 31.94 -7.30
CA ASP B 52 -24.67 33.39 -7.18
C ASP B 52 -23.90 33.86 -5.92
N ARG B 53 -23.66 32.94 -4.96
CA ARG B 53 -22.93 33.19 -3.69
C ARG B 53 -21.41 33.16 -3.89
N LEU B 54 -20.93 32.70 -5.07
CA LEU B 54 -19.48 32.67 -5.34
C LEU B 54 -18.94 34.08 -5.55
N PRO B 55 -17.63 34.34 -5.30
CA PRO B 55 -17.14 35.72 -5.47
C PRO B 55 -17.18 36.29 -6.88
N ALA B 56 -17.25 35.44 -7.93
CA ALA B 56 -17.32 35.91 -9.31
C ALA B 56 -18.32 35.13 -10.13
N LYS B 57 -18.87 35.78 -11.17
CA LYS B 57 -19.82 35.15 -12.09
C LYS B 57 -19.11 34.05 -12.88
N ALA B 58 -19.85 32.99 -13.19
CA ALA B 58 -19.35 31.89 -13.99
C ALA B 58 -20.53 31.24 -14.72
N PRO B 59 -20.34 30.86 -16.01
CA PRO B 59 -21.43 30.18 -16.72
C PRO B 59 -21.69 28.80 -16.10
N LEU B 60 -22.98 28.40 -16.04
CA LEU B 60 -23.43 27.13 -15.49
C LEU B 60 -24.02 26.30 -16.63
N LEU B 61 -23.42 25.12 -16.86
CA LEU B 61 -23.85 24.22 -17.91
C LEU B 61 -24.46 22.98 -17.28
N GLU B 62 -25.47 22.38 -17.92
CA GLU B 62 -26.06 21.15 -17.41
C GLU B 62 -25.20 19.96 -17.78
N LEU B 63 -24.98 19.06 -16.82
CA LEU B 63 -24.27 17.82 -17.09
C LEU B 63 -24.73 16.72 -16.18
N ASP B 64 -25.43 15.74 -16.76
CA ASP B 64 -25.83 14.51 -16.09
C ASP B 64 -24.84 13.49 -16.68
N VAL B 65 -23.92 12.97 -15.84
CA VAL B 65 -22.90 12.08 -16.36
C VAL B 65 -23.44 10.72 -16.90
N GLN B 66 -24.70 10.40 -16.60
CA GLN B 66 -25.34 9.17 -17.13
C GLN B 66 -25.98 9.44 -18.51
N ASN B 67 -25.99 10.71 -18.95
CA ASN B 67 -26.63 11.14 -20.19
C ASN B 67 -25.59 11.28 -21.30
N GLU B 68 -25.61 10.32 -22.24
CA GLU B 68 -24.67 10.28 -23.38
C GLU B 68 -24.74 11.53 -24.25
N GLU B 69 -25.92 12.10 -24.42
CA GLU B 69 -26.11 13.33 -25.21
C GLU B 69 -25.42 14.52 -24.53
N HIS B 70 -25.51 14.64 -23.19
CA HIS B 70 -24.85 15.72 -22.44
C HIS B 70 -23.34 15.61 -22.60
N LEU B 71 -22.80 14.38 -22.52
CA LEU B 71 -21.36 14.13 -22.67
C LEU B 71 -20.88 14.41 -24.10
N ALA B 72 -21.68 14.02 -25.10
CA ALA B 72 -21.35 14.24 -26.51
C ALA B 72 -21.27 15.72 -26.89
N SER B 73 -22.10 16.57 -26.24
CA SER B 73 -22.16 18.00 -26.53
C SER B 73 -21.32 18.86 -25.58
N LEU B 74 -20.79 18.27 -24.50
CA LEU B 74 -20.09 19.01 -23.44
C LEU B 74 -18.94 19.89 -23.94
N ALA B 75 -18.02 19.32 -24.72
CA ALA B 75 -16.86 20.10 -25.20
C ALA B 75 -17.29 21.32 -26.03
N GLY B 76 -18.30 21.14 -26.90
CA GLY B 76 -18.82 22.23 -27.72
C GLY B 76 -19.45 23.33 -26.88
N ARG B 77 -20.19 22.93 -25.84
CA ARG B 77 -20.86 23.88 -24.94
C ARG B 77 -19.85 24.65 -24.09
N VAL B 78 -18.78 23.96 -23.63
CA VAL B 78 -17.71 24.60 -22.87
C VAL B 78 -16.97 25.60 -23.78
N THR B 79 -16.65 25.18 -25.04
CA THR B 79 -15.97 26.07 -26.01
C THR B 79 -16.79 27.35 -26.25
N GLU B 80 -18.12 27.23 -26.34
CA GLU B 80 -19.00 28.39 -26.52
C GLU B 80 -18.87 29.33 -25.31
N ALA B 81 -18.84 28.76 -24.09
CA ALA B 81 -18.73 29.51 -22.83
C ALA B 81 -17.39 30.25 -22.67
N ILE B 82 -16.26 29.61 -23.08
CA ILE B 82 -14.93 30.23 -22.89
C ILE B 82 -14.41 30.98 -24.13
N GLY B 83 -15.04 30.75 -25.28
CA GLY B 83 -14.66 31.40 -26.53
C GLY B 83 -13.86 30.50 -27.44
N ALA B 84 -14.17 30.52 -28.74
CA ALA B 84 -13.45 29.74 -29.75
C ALA B 84 -11.97 30.14 -29.71
N GLY B 85 -11.08 29.16 -29.80
CA GLY B 85 -9.65 29.42 -29.74
C GLY B 85 -9.08 29.24 -28.34
N ASN B 86 -9.96 29.16 -27.32
CA ASN B 86 -9.53 28.95 -25.93
C ASN B 86 -9.80 27.53 -25.49
N LYS B 87 -8.95 27.03 -24.61
CA LYS B 87 -9.08 25.67 -24.07
C LYS B 87 -9.02 25.71 -22.55
N LEU B 88 -9.41 24.60 -21.90
CA LEU B 88 -9.38 24.47 -20.46
C LEU B 88 -7.98 24.11 -19.97
N ASP B 89 -7.63 24.59 -18.78
CA ASP B 89 -6.37 24.23 -18.11
C ASP B 89 -6.65 23.26 -16.95
N GLY B 90 -7.90 23.23 -16.48
CA GLY B 90 -8.26 22.34 -15.38
C GLY B 90 -9.67 21.81 -15.48
N VAL B 91 -9.88 20.63 -14.88
CA VAL B 91 -11.17 19.95 -14.80
C VAL B 91 -11.25 19.35 -13.40
N VAL B 92 -12.34 19.64 -12.70
CA VAL B 92 -12.59 19.09 -11.36
C VAL B 92 -13.83 18.21 -11.41
N HIS B 93 -13.65 16.93 -11.07
CA HIS B 93 -14.73 15.95 -10.91
C HIS B 93 -14.99 15.90 -9.39
N SER B 94 -16.19 16.38 -8.95
CA SER B 94 -16.56 16.33 -7.52
C SER B 94 -18.00 15.78 -7.46
N ILE B 95 -18.15 14.57 -8.02
CA ILE B 95 -19.42 13.90 -8.21
C ILE B 95 -19.40 12.51 -7.56
N GLY B 96 -20.48 12.19 -6.86
CA GLY B 96 -20.65 10.90 -6.24
C GLY B 96 -22.10 10.63 -5.96
N PHE B 97 -22.46 9.35 -5.97
CA PHE B 97 -23.83 8.92 -5.70
C PHE B 97 -23.84 7.46 -5.40
N MET B 98 -24.65 7.04 -4.44
CA MET B 98 -24.86 5.61 -4.16
C MET B 98 -26.25 5.52 -3.51
N PRO B 99 -27.21 4.80 -4.08
CA PRO B 99 -28.53 4.71 -3.43
C PRO B 99 -28.42 4.21 -1.97
N GLN B 100 -29.41 4.61 -1.13
CA GLN B 100 -29.49 4.27 0.30
C GLN B 100 -29.18 2.80 0.60
N THR B 101 -29.72 1.88 -0.22
CA THR B 101 -29.51 0.42 -0.14
C THR B 101 -28.03 0.04 -0.10
N GLY B 102 -27.19 0.79 -0.82
CA GLY B 102 -25.76 0.54 -0.91
C GLY B 102 -24.90 1.30 0.08
N MET B 103 -25.53 2.15 0.90
CA MET B 103 -24.88 2.98 1.90
C MET B 103 -25.70 2.96 3.18
N PRO B 107 -28.15 -3.58 5.09
CA PRO B 107 -27.03 -4.52 5.08
C PRO B 107 -26.31 -4.54 3.73
N PHE B 108 -24.98 -4.70 3.76
CA PHE B 108 -24.12 -4.78 2.56
C PHE B 108 -24.68 -5.79 1.54
N PHE B 109 -25.17 -6.94 2.01
CA PHE B 109 -25.69 -7.99 1.13
C PHE B 109 -27.04 -7.70 0.50
N ASP B 110 -27.76 -6.72 1.02
CA ASP B 110 -29.11 -6.43 0.53
C ASP B 110 -29.17 -5.37 -0.56
N ALA B 111 -28.02 -4.80 -0.98
CA ALA B 111 -27.99 -3.82 -2.06
C ALA B 111 -28.19 -4.53 -3.42
N PRO B 112 -29.27 -4.21 -4.17
CA PRO B 112 -29.45 -4.85 -5.48
C PRO B 112 -28.41 -4.33 -6.46
N TYR B 113 -28.01 -5.17 -7.44
CA TYR B 113 -26.99 -4.71 -8.41
C TYR B 113 -27.42 -3.47 -9.20
N ALA B 114 -28.71 -3.30 -9.54
CA ALA B 114 -29.13 -2.09 -10.26
C ALA B 114 -28.70 -0.83 -9.50
N ASP B 115 -28.80 -0.84 -8.16
CA ASP B 115 -28.41 0.31 -7.32
C ASP B 115 -26.90 0.48 -7.31
N VAL B 116 -26.14 -0.63 -7.09
CA VAL B 116 -24.68 -0.59 -7.11
C VAL B 116 -24.14 -0.07 -8.46
N SER B 117 -24.69 -0.59 -9.57
CA SER B 117 -24.30 -0.19 -10.92
C SER B 117 -24.50 1.30 -11.16
N LYS B 118 -25.66 1.85 -10.72
CA LYS B 118 -25.90 3.29 -10.86
C LYS B 118 -24.85 4.09 -10.08
N GLY B 119 -24.57 3.66 -8.85
CA GLY B 119 -23.57 4.32 -8.01
C GLY B 119 -22.18 4.28 -8.63
N ILE B 120 -21.78 3.13 -9.23
CA ILE B 120 -20.45 3.01 -9.86
C ILE B 120 -20.37 3.83 -11.15
N HIS B 121 -21.50 3.90 -11.88
CA HIS B 121 -21.55 4.70 -13.12
C HIS B 121 -21.23 6.16 -12.78
N ILE B 122 -21.98 6.73 -11.81
CA ILE B 122 -21.83 8.11 -11.44
C ILE B 122 -20.54 8.42 -10.71
N SER B 123 -20.12 7.52 -9.80
CA SER B 123 -18.99 7.79 -8.92
C SER B 123 -17.63 7.42 -9.48
N ALA B 124 -17.57 6.44 -10.38
CA ALA B 124 -16.27 5.99 -10.90
C ALA B 124 -16.14 6.05 -12.43
N TYR B 125 -17.04 5.39 -13.16
CA TYR B 125 -16.97 5.41 -14.63
C TYR B 125 -16.99 6.84 -15.20
N SER B 126 -17.78 7.74 -14.58
CA SER B 126 -17.90 9.13 -15.08
C SER B 126 -16.59 9.92 -15.04
N TYR B 127 -15.61 9.49 -14.22
CA TYR B 127 -14.32 10.16 -14.22
C TYR B 127 -13.67 9.93 -15.60
N ALA B 128 -13.78 8.70 -16.17
CA ALA B 128 -13.27 8.41 -17.52
C ALA B 128 -14.15 9.18 -18.56
N SER B 129 -15.48 9.18 -18.40
CA SER B 129 -16.41 9.88 -19.33
C SER B 129 -16.05 11.35 -19.46
N MET B 130 -15.83 12.01 -18.33
CA MET B 130 -15.51 13.44 -18.32
C MET B 130 -14.16 13.70 -18.95
N ALA B 131 -13.15 12.84 -18.70
CA ALA B 131 -11.84 13.00 -19.31
C ALA B 131 -11.91 12.78 -20.81
N LYS B 132 -12.71 11.79 -21.26
CA LYS B 132 -12.89 11.52 -22.69
C LYS B 132 -13.47 12.75 -23.39
N ALA B 133 -14.49 13.36 -22.80
CA ALA B 133 -15.16 14.52 -23.39
C ALA B 133 -14.28 15.78 -23.38
N LEU B 134 -13.49 15.98 -22.31
CA LEU B 134 -12.76 17.24 -22.12
C LEU B 134 -11.29 17.25 -22.53
N LEU B 135 -10.59 16.10 -22.56
CA LEU B 135 -9.18 16.10 -23.00
C LEU B 135 -8.98 16.78 -24.36
N PRO B 136 -9.87 16.57 -25.38
CA PRO B 136 -9.69 17.24 -26.69
C PRO B 136 -9.75 18.78 -26.60
N ILE B 137 -10.22 19.34 -25.46
CA ILE B 137 -10.27 20.80 -25.29
C ILE B 137 -9.44 21.26 -24.07
N MET B 138 -8.36 20.51 -23.74
CA MET B 138 -7.46 20.88 -22.65
C MET B 138 -6.08 21.24 -23.17
N ASN B 139 -5.46 22.26 -22.56
CA ASN B 139 -4.12 22.70 -22.89
C ASN B 139 -3.05 21.82 -22.28
N PRO B 140 -1.84 21.72 -22.93
CA PRO B 140 -0.72 21.01 -22.28
C PRO B 140 -0.40 21.71 -20.95
N GLY B 141 0.00 20.92 -19.97
CA GLY B 141 0.27 21.39 -18.62
C GLY B 141 -1.00 21.39 -17.78
N GLY B 142 -2.11 20.98 -18.39
CA GLY B 142 -3.42 20.91 -17.75
C GLY B 142 -3.53 19.87 -16.67
N SER B 143 -4.64 19.90 -15.91
CA SER B 143 -4.80 19.05 -14.74
C SER B 143 -6.25 18.65 -14.54
N ILE B 144 -6.48 17.33 -14.36
CA ILE B 144 -7.81 16.79 -14.06
C ILE B 144 -7.70 16.29 -12.62
N VAL B 145 -8.65 16.70 -11.77
CA VAL B 145 -8.64 16.30 -10.34
C VAL B 145 -9.99 15.74 -9.98
N GLY B 146 -10.02 14.58 -9.33
CA GLY B 146 -11.25 13.97 -8.83
C GLY B 146 -11.22 13.81 -7.33
N MET B 147 -12.40 13.74 -6.67
CA MET B 147 -12.49 13.59 -5.21
C MET B 147 -12.62 12.14 -4.83
N ASP B 148 -11.85 11.75 -3.81
CA ASP B 148 -11.79 10.37 -3.35
C ASP B 148 -11.96 10.32 -1.82
N PHE B 149 -12.30 9.15 -1.28
CA PHE B 149 -12.35 8.87 0.16
C PHE B 149 -11.63 7.53 0.28
N ASP B 150 -10.49 7.53 1.00
CA ASP B 150 -9.61 6.36 1.10
C ASP B 150 -10.39 5.05 1.30
N PRO B 151 -10.38 4.16 0.28
CA PRO B 151 -11.15 2.90 0.39
C PRO B 151 -10.25 1.65 0.59
N SER B 152 -8.97 1.86 0.97
N SER B 152 -8.96 1.85 0.96
CA SER B 152 -7.98 0.79 1.14
CA SER B 152 -8.02 0.74 1.10
C SER B 152 -8.38 -0.24 2.20
C SER B 152 -8.40 -0.25 2.20
N ARG B 153 -9.24 0.18 3.16
CA ARG B 153 -9.74 -0.68 4.25
C ARG B 153 -11.25 -0.57 4.29
N ALA B 154 -11.93 -1.66 4.66
CA ALA B 154 -13.38 -1.60 4.80
C ALA B 154 -13.74 -0.81 6.08
N MET B 155 -14.98 -0.34 6.16
CA MET B 155 -15.41 0.47 7.28
C MET B 155 -16.93 0.35 7.43
N PRO B 156 -17.50 0.75 8.57
CA PRO B 156 -18.97 0.70 8.68
C PRO B 156 -19.66 1.68 7.73
N ALA B 157 -20.89 1.34 7.32
CA ALA B 157 -21.85 2.11 6.55
C ALA B 157 -21.48 2.54 5.14
N TYR B 158 -20.23 2.94 4.87
CA TYR B 158 -19.84 3.40 3.52
C TYR B 158 -20.07 2.34 2.45
N ASN B 159 -19.95 1.05 2.84
CA ASN B 159 -20.32 -0.14 2.05
C ASN B 159 -19.98 -0.05 0.56
N TRP B 160 -21.01 -0.02 -0.33
CA TRP B 160 -20.78 -0.01 -1.78
C TRP B 160 -20.19 1.29 -2.30
N MET B 161 -20.33 2.40 -1.58
CA MET B 161 -19.66 3.63 -2.02
C MET B 161 -18.13 3.39 -1.85
N THR B 162 -17.69 2.62 -0.83
CA THR B 162 -16.26 2.29 -0.68
C THR B 162 -15.78 1.55 -1.94
N VAL B 163 -16.59 0.58 -2.40
CA VAL B 163 -16.28 -0.21 -3.60
C VAL B 163 -16.17 0.71 -4.81
N ALA B 164 -17.10 1.70 -4.93
CA ALA B 164 -17.06 2.66 -6.04
C ALA B 164 -15.78 3.48 -5.97
N LYS B 165 -15.32 3.88 -4.76
CA LYS B 165 -14.06 4.65 -4.64
C LYS B 165 -12.85 3.78 -5.03
N SER B 166 -12.86 2.48 -4.66
CA SER B 166 -11.78 1.56 -5.08
C SER B 166 -11.74 1.49 -6.62
N ALA B 167 -12.93 1.43 -7.27
CA ALA B 167 -12.97 1.42 -8.73
C ALA B 167 -12.47 2.78 -9.29
N LEU B 168 -12.87 3.91 -8.66
CA LEU B 168 -12.44 5.26 -9.09
C LEU B 168 -10.89 5.38 -9.07
N GLU B 169 -10.24 4.89 -8.01
CA GLU B 169 -8.77 4.94 -7.93
C GLU B 169 -8.15 4.20 -9.13
N SER B 170 -8.72 3.06 -9.50
CA SER B 170 -8.21 2.27 -10.63
C SER B 170 -8.45 3.04 -11.96
N VAL B 171 -9.68 3.61 -12.11
CA VAL B 171 -10.02 4.42 -13.31
C VAL B 171 -9.00 5.59 -13.44
N ASN B 172 -8.67 6.27 -12.32
CA ASN B 172 -7.74 7.40 -12.36
C ASN B 172 -6.38 7.00 -12.95
N ARG B 173 -5.90 5.79 -12.62
CA ARG B 173 -4.60 5.35 -13.16
C ARG B 173 -4.64 5.15 -14.70
N PHE B 174 -5.81 4.71 -15.23
CA PHE B 174 -6.00 4.56 -16.67
C PHE B 174 -6.21 5.90 -17.37
N VAL B 175 -7.00 6.80 -16.71
CA VAL B 175 -7.19 8.14 -17.27
C VAL B 175 -5.81 8.83 -17.41
N ALA B 176 -4.92 8.64 -16.43
CA ALA B 176 -3.57 9.26 -16.51
C ALA B 176 -2.83 8.84 -17.78
N ARG B 177 -2.98 7.56 -18.20
CA ARG B 177 -2.33 7.06 -19.42
C ARG B 177 -2.84 7.85 -20.63
N GLU B 178 -4.17 8.10 -20.70
CA GLU B 178 -4.73 8.85 -21.82
C GLU B 178 -4.37 10.33 -21.74
N ALA B 179 -4.50 10.92 -20.53
CA ALA B 179 -4.24 12.35 -20.34
C ALA B 179 -2.78 12.72 -20.67
N GLY B 180 -1.86 11.81 -20.39
CA GLY B 180 -0.44 12.03 -20.68
C GLY B 180 -0.15 12.35 -22.16
N LYS B 181 -0.95 11.76 -23.06
CA LYS B 181 -0.83 11.99 -24.51
C LYS B 181 -1.07 13.47 -24.86
N TYR B 182 -1.82 14.19 -24.01
CA TYR B 182 -2.17 15.61 -24.18
C TYR B 182 -1.28 16.52 -23.30
N GLY B 183 -0.32 15.93 -22.59
CA GLY B 183 0.52 16.67 -21.64
C GLY B 183 -0.28 17.10 -20.42
N VAL B 184 -1.30 16.31 -20.06
CA VAL B 184 -2.19 16.62 -18.95
C VAL B 184 -2.03 15.58 -17.82
N ARG B 185 -2.15 16.04 -16.56
CA ARG B 185 -2.08 15.19 -15.38
C ARG B 185 -3.49 14.80 -14.91
N SER B 186 -3.60 13.65 -14.25
CA SER B 186 -4.87 13.18 -13.69
C SER B 186 -4.58 12.69 -12.28
N ASN B 187 -5.24 13.26 -11.25
CA ASN B 187 -4.99 12.82 -9.88
C ASN B 187 -6.26 12.90 -9.06
N LEU B 188 -6.28 12.19 -7.91
CA LEU B 188 -7.41 12.29 -7.00
C LEU B 188 -6.94 12.93 -5.70
N VAL B 189 -7.86 13.64 -5.03
CA VAL B 189 -7.61 14.16 -3.67
C VAL B 189 -8.47 13.29 -2.76
N ALA B 190 -7.83 12.56 -1.82
CA ALA B 190 -8.55 11.73 -0.84
C ALA B 190 -8.73 12.60 0.39
N ALA B 191 -9.94 13.07 0.59
CA ALA B 191 -10.23 13.96 1.71
C ALA B 191 -10.69 13.21 2.94
N GLY B 192 -10.50 13.83 4.11
CA GLY B 192 -11.09 13.33 5.34
C GLY B 192 -12.59 13.65 5.31
N PRO B 193 -13.37 13.16 6.28
CA PRO B 193 -14.84 13.38 6.24
C PRO B 193 -15.22 14.86 6.42
N ILE B 194 -16.16 15.34 5.61
CA ILE B 194 -16.63 16.71 5.62
C ILE B 194 -18.14 16.69 5.86
N ARG B 195 -18.60 17.58 6.73
CA ARG B 195 -20.04 17.70 7.02
C ARG B 195 -20.83 18.34 5.87
N THR B 196 -21.08 17.57 4.80
CA THR B 196 -21.91 18.00 3.67
C THR B 196 -23.35 17.54 4.03
N LEU B 197 -24.34 17.70 3.13
CA LEU B 197 -25.72 17.30 3.47
C LEU B 197 -25.84 15.80 3.81
N ALA B 198 -25.22 14.90 3.02
CA ALA B 198 -25.29 13.45 3.28
C ALA B 198 -24.49 13.03 4.52
N GLY B 208 -30.07 4.91 10.20
CA GLY B 208 -30.34 4.21 11.44
C GLY B 208 -29.41 4.57 12.60
N GLU B 209 -29.77 4.08 13.79
CA GLU B 209 -29.04 4.29 15.05
C GLU B 209 -27.64 3.66 15.03
N GLU B 210 -27.53 2.39 14.57
CA GLU B 210 -26.28 1.63 14.49
C GLU B 210 -25.24 2.31 13.59
N ALA B 211 -25.59 2.60 12.33
CA ALA B 211 -24.69 3.28 11.38
C ALA B 211 -24.36 4.69 11.84
N GLY B 212 -25.34 5.40 12.43
CA GLY B 212 -25.13 6.73 12.99
C GLY B 212 -24.05 6.77 14.05
N ALA B 213 -24.09 5.79 14.97
CA ALA B 213 -23.09 5.67 16.06
C ALA B 213 -21.69 5.30 15.52
N GLN B 214 -21.66 4.42 14.50
CA GLN B 214 -20.43 3.97 13.87
C GLN B 214 -19.75 5.12 13.11
N ILE B 215 -20.55 5.92 12.38
CA ILE B 215 -20.03 7.07 11.63
C ILE B 215 -19.56 8.16 12.58
N GLN B 216 -20.26 8.34 13.73
CA GLN B 216 -19.82 9.29 14.76
C GLN B 216 -18.42 8.87 15.27
N LEU B 217 -18.25 7.56 15.59
CA LEU B 217 -16.95 7.00 16.04
C LEU B 217 -15.87 7.15 14.96
N LEU B 218 -16.23 6.90 13.69
CA LEU B 218 -15.29 7.05 12.57
C LEU B 218 -14.77 8.51 12.51
N GLU B 219 -15.68 9.50 12.69
CA GLU B 219 -15.37 10.93 12.67
C GLU B 219 -14.46 11.36 13.81
N GLU B 220 -14.82 11.00 15.05
CA GLU B 220 -14.02 11.33 16.23
C GLU B 220 -12.60 10.78 16.14
N GLY B 221 -12.48 9.52 15.71
CA GLY B 221 -11.20 8.83 15.52
C GLY B 221 -10.29 9.53 14.52
N TRP B 222 -10.87 10.12 13.47
CA TRP B 222 -10.15 10.84 12.42
C TRP B 222 -9.34 12.03 12.98
N ASP B 223 -10.01 12.94 13.71
CA ASP B 223 -9.37 14.07 14.37
C ASP B 223 -8.37 13.55 15.43
N GLN B 224 -8.68 12.43 16.12
CA GLN B 224 -7.71 11.88 17.10
C GLN B 224 -6.42 11.40 16.41
N ARG B 225 -6.55 10.64 15.32
CA ARG B 225 -5.40 10.08 14.58
C ARG B 225 -4.58 11.12 13.81
N ALA B 226 -5.22 12.16 13.31
CA ALA B 226 -4.57 13.18 12.49
C ALA B 226 -3.53 13.94 13.32
N PRO B 227 -2.21 13.87 12.99
CA PRO B 227 -1.23 14.62 13.79
C PRO B 227 -1.45 16.13 13.84
N ILE B 228 -2.12 16.71 12.83
CA ILE B 228 -2.40 18.15 12.81
C ILE B 228 -3.91 18.41 13.05
N GLY B 229 -4.62 17.36 13.44
CA GLY B 229 -6.06 17.43 13.68
C GLY B 229 -6.87 17.45 12.40
N TRP B 230 -8.19 17.31 12.55
CA TRP B 230 -9.08 17.32 11.39
C TRP B 230 -10.37 18.02 11.78
N ASN B 231 -10.74 19.04 11.03
CA ASN B 231 -11.98 19.80 11.27
C ASN B 231 -12.97 19.46 10.17
N MET B 232 -13.94 18.56 10.47
CA MET B 232 -14.95 18.14 9.49
C MET B 232 -15.88 19.26 9.01
N LYS B 233 -15.93 20.38 9.72
CA LYS B 233 -16.81 21.47 9.33
C LYS B 233 -16.12 22.44 8.36
N ASP B 234 -14.81 22.20 8.08
CA ASP B 234 -14.02 23.13 7.26
C ASP B 234 -13.51 22.47 5.99
N ALA B 235 -14.15 22.78 4.85
CA ALA B 235 -13.73 22.19 3.59
C ALA B 235 -12.57 22.96 2.94
N THR B 236 -12.18 24.15 3.47
CA THR B 236 -11.12 24.97 2.85
C THR B 236 -9.79 24.20 2.65
N PRO B 237 -9.27 23.42 3.66
CA PRO B 237 -7.99 22.72 3.43
C PRO B 237 -8.05 21.76 2.23
N VAL B 238 -9.23 21.16 1.99
CA VAL B 238 -9.43 20.25 0.86
C VAL B 238 -9.44 21.06 -0.45
N ALA B 239 -10.17 22.18 -0.46
CA ALA B 239 -10.23 23.07 -1.64
C ALA B 239 -8.82 23.57 -2.00
N LYS B 240 -8.00 23.95 -0.98
CA LYS B 240 -6.63 24.41 -1.24
C LYS B 240 -5.81 23.30 -1.89
N THR B 241 -5.96 22.05 -1.41
CA THR B 241 -5.23 20.90 -1.96
C THR B 241 -5.60 20.67 -3.44
N VAL B 242 -6.92 20.75 -3.77
CA VAL B 242 -7.31 20.60 -5.19
C VAL B 242 -6.65 21.72 -6.01
N CYS B 243 -6.67 22.97 -5.51
CA CYS B 243 -6.03 24.07 -6.23
C CYS B 243 -4.52 23.86 -6.41
N ALA B 244 -3.81 23.24 -5.41
CA ALA B 244 -2.38 22.92 -5.58
C ALA B 244 -2.21 21.99 -6.80
N LEU B 245 -3.11 20.99 -6.95
CA LEU B 245 -3.01 20.07 -8.09
C LEU B 245 -3.38 20.76 -9.41
N LEU B 246 -4.26 21.77 -9.36
CA LEU B 246 -4.64 22.50 -10.58
C LEU B 246 -3.53 23.46 -11.01
N SER B 247 -2.65 23.83 -10.07
CA SER B 247 -1.55 24.77 -10.32
C SER B 247 -0.39 24.10 -11.09
N ASP B 248 0.68 24.89 -11.33
CA ASP B 248 1.88 24.42 -12.02
C ASP B 248 2.91 23.85 -11.01
N TRP B 249 2.52 23.72 -9.72
CA TRP B 249 3.46 23.36 -8.65
C TRP B 249 3.58 21.87 -8.32
N LEU B 250 2.80 20.99 -9.00
CA LEU B 250 2.97 19.52 -8.83
C LEU B 250 3.05 18.94 -10.26
N PRO B 251 4.07 19.37 -11.03
CA PRO B 251 4.11 19.03 -12.46
C PRO B 251 4.50 17.61 -12.82
N ALA B 252 5.01 16.84 -11.84
CA ALA B 252 5.49 15.48 -12.10
C ALA B 252 4.68 14.42 -11.38
N THR B 253 3.42 14.75 -11.02
CA THR B 253 2.53 13.85 -10.28
C THR B 253 1.34 13.55 -11.17
N THR B 254 1.12 12.25 -11.45
CA THR B 254 -0.04 11.82 -12.24
C THR B 254 -0.40 10.37 -11.93
N GLY B 255 -1.67 10.03 -12.17
CA GLY B 255 -2.25 8.72 -11.86
C GLY B 255 -2.25 8.47 -10.37
N ASP B 256 -2.13 9.56 -9.58
CA ASP B 256 -1.87 9.45 -8.14
C ASP B 256 -2.97 9.94 -7.25
N ILE B 257 -2.72 9.84 -5.94
CA ILE B 257 -3.69 10.25 -4.91
C ILE B 257 -2.96 11.10 -3.90
N ILE B 258 -3.48 12.33 -3.65
CA ILE B 258 -2.93 13.21 -2.60
C ILE B 258 -3.95 13.17 -1.46
N TYR B 259 -3.48 12.94 -0.23
CA TYR B 259 -4.37 12.83 0.94
C TYR B 259 -4.47 14.15 1.67
N ALA B 260 -5.68 14.74 1.70
CA ALA B 260 -5.95 15.97 2.45
C ALA B 260 -6.86 15.51 3.58
N ASP B 261 -6.25 14.81 4.56
CA ASP B 261 -7.03 14.16 5.65
C ASP B 261 -6.42 14.38 7.06
N GLY B 262 -5.56 15.39 7.18
CA GLY B 262 -4.88 15.71 8.45
C GLY B 262 -3.78 14.71 8.79
N GLY B 263 -3.44 13.84 7.84
CA GLY B 263 -2.46 12.78 8.04
C GLY B 263 -3.06 11.57 8.75
N ALA B 264 -4.41 11.51 8.92
CA ALA B 264 -5.03 10.41 9.65
C ALA B 264 -4.70 9.02 9.06
N HIS B 265 -4.63 8.90 7.72
CA HIS B 265 -4.38 7.58 7.13
C HIS B 265 -2.97 7.05 7.39
N THR B 266 -2.06 7.90 7.96
CA THR B 266 -0.68 7.51 8.19
C THR B 266 -0.47 7.01 9.62
N GLN B 267 -1.54 7.00 10.43
CA GLN B 267 -1.46 6.68 11.86
C GLN B 267 -2.48 5.62 12.23
N LEU B 268 -2.05 4.64 13.03
CA LEU B 268 -2.97 3.58 13.42
C LEU B 268 -3.88 4.05 14.55
N LEU B 269 -3.28 4.72 15.54
CA LEU B 269 -3.95 5.31 16.68
C LEU B 269 -3.07 6.47 17.17
N THR C 2 5.17 38.53 -5.13
CA THR C 2 4.05 37.69 -5.53
C THR C 2 4.50 36.24 -5.73
N GLY C 3 5.43 35.80 -4.91
CA GLY C 3 5.98 34.46 -4.99
C GLY C 3 5.26 33.49 -4.07
N LEU C 4 5.33 32.21 -4.43
CA LEU C 4 4.70 31.12 -3.67
C LEU C 4 5.16 31.08 -2.19
N LEU C 5 6.42 31.45 -1.93
CA LEU C 5 6.99 31.35 -0.58
C LEU C 5 7.42 32.72 -0.04
N ASP C 6 6.77 33.82 -0.51
CA ASP C 6 7.10 35.17 -0.08
C ASP C 6 7.13 35.31 1.43
N GLY C 7 8.26 35.81 1.92
CA GLY C 7 8.50 36.04 3.34
C GLY C 7 8.86 34.85 4.18
N LYS C 8 8.72 33.60 3.64
CA LYS C 8 9.03 32.41 4.42
C LYS C 8 10.51 32.24 4.69
N ARG C 9 10.87 31.79 5.91
CA ARG C 9 12.27 31.54 6.28
C ARG C 9 12.47 30.03 6.23
N ILE C 10 13.33 29.56 5.33
CA ILE C 10 13.46 28.11 5.08
C ILE C 10 14.91 27.63 5.16
N LEU C 11 15.13 26.55 5.92
CA LEU C 11 16.45 25.94 6.02
C LEU C 11 16.54 24.85 4.95
N VAL C 12 17.65 24.84 4.16
CA VAL C 12 17.84 23.81 3.13
C VAL C 12 19.18 23.13 3.34
N SER C 13 19.16 21.82 3.63
CA SER C 13 20.38 21.02 3.79
C SER C 13 20.66 20.29 2.48
N GLY C 14 21.86 19.72 2.36
CA GLY C 14 22.13 18.82 1.24
C GLY C 14 22.76 19.34 -0.02
N ILE C 15 23.20 20.61 -0.06
CA ILE C 15 23.90 21.07 -1.25
C ILE C 15 25.35 20.59 -1.18
N ILE C 16 25.84 19.94 -2.27
CA ILE C 16 27.26 19.57 -2.42
C ILE C 16 27.74 20.04 -3.80
N THR C 17 26.89 19.90 -4.85
CA THR C 17 27.22 20.40 -6.20
C THR C 17 26.02 21.19 -6.74
N ASP C 18 26.15 21.82 -7.94
CA ASP C 18 24.99 22.51 -8.51
C ASP C 18 24.02 21.52 -9.20
N SER C 19 24.34 20.21 -9.13
CA SER C 19 23.45 19.16 -9.62
C SER C 19 22.67 18.54 -8.44
N SER C 20 23.04 18.88 -7.20
CA SER C 20 22.33 18.40 -6.00
C SER C 20 20.84 18.77 -6.13
N ILE C 21 19.94 17.85 -5.72
CA ILE C 21 18.52 18.19 -5.74
C ILE C 21 18.29 19.44 -4.83
N ALA C 22 19.02 19.53 -3.71
CA ALA C 22 18.92 20.66 -2.77
C ALA C 22 19.29 21.97 -3.42
N PHE C 23 20.22 21.96 -4.39
CA PHE C 23 20.58 23.20 -5.08
C PHE C 23 19.35 23.72 -5.84
N HIS C 24 18.66 22.81 -6.58
CA HIS C 24 17.49 23.21 -7.36
C HIS C 24 16.34 23.62 -6.43
N ILE C 25 16.15 22.92 -5.30
CA ILE C 25 15.12 23.30 -4.31
C ILE C 25 15.40 24.73 -3.82
N ALA C 26 16.68 25.01 -3.46
CA ALA C 26 17.07 26.33 -2.97
C ALA C 26 16.82 27.40 -4.03
N ARG C 27 17.22 27.13 -5.30
CA ARG C 27 17.03 28.08 -6.41
C ARG C 27 15.54 28.42 -6.61
N VAL C 28 14.68 27.39 -6.70
CA VAL C 28 13.24 27.63 -6.89
C VAL C 28 12.64 28.38 -5.68
N ALA C 29 13.04 28.00 -4.46
CA ALA C 29 12.51 28.65 -3.25
C ALA C 29 12.88 30.15 -3.27
N GLN C 30 14.14 30.48 -3.65
CA GLN C 30 14.55 31.91 -3.73
C GLN C 30 13.79 32.67 -4.83
N GLU C 31 13.57 32.01 -5.99
CA GLU C 31 12.81 32.61 -7.10
C GLU C 31 11.40 32.94 -6.64
N GLN C 32 10.88 32.13 -5.68
CA GLN C 32 9.55 32.27 -5.11
C GLN C 32 9.49 33.12 -3.82
N GLY C 33 10.55 33.86 -3.54
CA GLY C 33 10.57 34.83 -2.45
C GLY C 33 10.99 34.35 -1.07
N ALA C 34 11.42 33.09 -0.95
CA ALA C 34 11.85 32.59 0.36
C ALA C 34 13.21 33.18 0.75
N GLN C 35 13.44 33.32 2.06
CA GLN C 35 14.70 33.76 2.66
C GLN C 35 15.32 32.47 3.20
N LEU C 36 16.48 32.07 2.66
CA LEU C 36 17.08 30.79 3.05
C LEU C 36 18.20 30.84 4.06
N VAL C 37 18.36 29.72 4.77
CA VAL C 37 19.51 29.39 5.60
C VAL C 37 19.95 28.03 5.04
N LEU C 38 21.23 27.89 4.69
CA LEU C 38 21.73 26.65 4.09
C LEU C 38 22.61 25.88 5.05
N THR C 39 22.59 24.53 4.98
CA THR C 39 23.51 23.73 5.80
C THR C 39 24.32 22.84 4.88
N GLY C 40 25.59 22.66 5.23
CA GLY C 40 26.49 21.81 4.46
C GLY C 40 27.35 20.90 5.30
N PHE C 41 27.87 19.83 4.67
CA PHE C 41 28.67 18.82 5.35
C PHE C 41 30.10 18.74 4.83
N ASP C 42 31.06 18.80 5.77
CA ASP C 42 32.49 18.58 5.62
C ASP C 42 33.24 19.61 4.76
N ARG C 43 32.94 19.68 3.45
CA ARG C 43 33.63 20.55 2.49
C ARG C 43 32.94 21.92 2.39
N LEU C 44 32.92 22.66 3.51
CA LEU C 44 32.22 23.92 3.63
C LEU C 44 32.72 25.01 2.70
N ARG C 45 34.06 25.11 2.49
CA ARG C 45 34.58 26.13 1.57
C ARG C 45 34.10 25.82 0.15
N LEU C 46 34.12 24.54 -0.24
CA LEU C 46 33.62 24.10 -1.54
C LEU C 46 32.12 24.39 -1.68
N ILE C 47 31.34 24.04 -0.64
CA ILE C 47 29.89 24.28 -0.66
C ILE C 47 29.57 25.76 -0.78
N GLN C 48 30.29 26.61 -0.03
CA GLN C 48 30.10 28.07 -0.11
C GLN C 48 30.21 28.60 -1.54
N ARG C 49 31.21 28.11 -2.31
CA ARG C 49 31.43 28.47 -3.72
C ARG C 49 30.25 28.00 -4.61
N ILE C 50 29.63 26.86 -4.29
CA ILE C 50 28.46 26.40 -5.03
C ILE C 50 27.26 27.33 -4.71
N THR C 51 27.11 27.71 -3.43
CA THR C 51 25.95 28.54 -3.01
C THR C 51 26.02 29.94 -3.60
N ASP C 52 27.22 30.41 -4.02
CA ASP C 52 27.40 31.71 -4.69
C ASP C 52 26.71 31.70 -6.07
N ARG C 53 26.38 30.49 -6.60
CA ARG C 53 25.69 30.35 -7.90
C ARG C 53 24.17 30.56 -7.77
N LEU C 54 23.65 30.59 -6.52
CA LEU C 54 22.22 30.82 -6.31
C LEU C 54 21.86 32.28 -6.59
N PRO C 55 20.59 32.58 -6.97
CA PRO C 55 20.25 33.99 -7.29
C PRO C 55 20.38 34.99 -6.14
N ALA C 56 20.26 34.54 -4.88
CA ALA C 56 20.39 35.42 -3.72
C ALA C 56 21.36 34.88 -2.67
N LYS C 57 21.98 35.78 -1.90
CA LYS C 57 22.90 35.38 -0.84
C LYS C 57 22.11 34.71 0.27
N ALA C 58 22.74 33.71 0.90
CA ALA C 58 22.15 32.98 2.01
C ALA C 58 23.25 32.51 2.93
N PRO C 59 23.07 32.63 4.26
CA PRO C 59 24.09 32.14 5.18
C PRO C 59 24.24 30.62 5.12
N LEU C 60 25.49 30.13 5.21
CA LEU C 60 25.80 28.71 5.18
C LEU C 60 26.32 28.28 6.56
N LEU C 61 25.67 27.26 7.14
CA LEU C 61 26.04 26.70 8.43
C LEU C 61 26.55 25.28 8.26
N GLU C 62 27.49 24.87 9.10
CA GLU C 62 28.00 23.50 9.03
C GLU C 62 27.04 22.56 9.76
N LEU C 63 26.75 21.40 9.16
CA LEU C 63 25.94 20.40 9.83
C LEU C 63 26.31 19.03 9.34
N ASP C 64 26.99 18.29 10.23
CA ASP C 64 27.27 16.87 10.03
C ASP C 64 26.21 16.21 10.94
N VAL C 65 25.23 15.52 10.32
CA VAL C 65 24.13 14.93 11.10
C VAL C 65 24.59 13.82 12.06
N GLN C 66 25.83 13.31 11.89
CA GLN C 66 26.37 12.29 12.82
C GLN C 66 27.03 12.93 14.04
N ASN C 67 27.15 14.28 14.01
CA ASN C 67 27.83 15.04 15.05
C ASN C 67 26.82 15.63 16.05
N GLU C 68 26.78 15.06 17.27
CA GLU C 68 25.85 15.49 18.33
C GLU C 68 26.04 16.96 18.73
N GLU C 69 27.28 17.46 18.70
CA GLU C 69 27.58 18.85 19.03
C GLU C 69 27.00 19.80 17.98
N HIS C 70 27.06 19.42 16.69
CA HIS C 70 26.49 20.25 15.60
C HIS C 70 24.96 20.34 15.78
N LEU C 71 24.33 19.21 16.13
CA LEU C 71 22.87 19.17 16.32
C LEU C 71 22.46 19.98 17.56
N ALA C 72 23.25 19.89 18.66
CA ALA C 72 22.97 20.62 19.91
C ALA C 72 23.07 22.14 19.74
N SER C 73 23.93 22.61 18.83
CA SER C 73 24.13 24.05 18.60
C SER C 73 23.34 24.60 17.41
N LEU C 74 22.71 23.72 16.61
CA LEU C 74 22.05 24.11 15.36
C LEU C 74 21.01 25.21 15.52
N ALA C 75 20.04 25.04 16.43
CA ALA C 75 19.00 26.07 16.61
C ALA C 75 19.61 27.45 16.96
N GLY C 76 20.61 27.50 17.84
CA GLY C 76 21.27 28.76 18.19
C GLY C 76 21.98 29.41 17.00
N ARG C 77 22.63 28.57 16.16
CA ARG C 77 23.33 29.07 14.97
C ARG C 77 22.35 29.58 13.91
N VAL C 78 21.21 28.89 13.75
CA VAL C 78 20.16 29.33 12.81
C VAL C 78 19.57 30.64 13.32
N THR C 79 19.29 30.73 14.64
CA THR C 79 18.73 31.96 15.23
C THR C 79 19.66 33.16 14.98
N GLU C 80 21.02 32.96 15.06
CA GLU C 80 21.99 34.03 14.76
C GLU C 80 21.81 34.48 13.30
N ALA C 81 21.66 33.50 12.39
CA ALA C 81 21.53 33.77 10.97
C ALA C 81 20.23 34.50 10.57
N ILE C 82 19.09 34.14 11.21
CA ILE C 82 17.80 34.75 10.85
C ILE C 82 17.38 35.91 11.75
N GLY C 83 18.05 36.06 12.89
CA GLY C 83 17.77 37.13 13.84
C GLY C 83 16.93 36.67 15.01
N ALA C 84 17.28 37.14 16.23
CA ALA C 84 16.55 36.84 17.47
C ALA C 84 15.09 37.28 17.29
N GLY C 85 14.16 36.45 17.74
CA GLY C 85 12.72 36.75 17.60
C GLY C 85 12.10 36.19 16.32
N ASN C 86 12.94 35.70 15.39
CA ASN C 86 12.45 35.10 14.15
C ASN C 86 12.55 33.59 14.22
N LYS C 87 11.61 32.90 13.57
CA LYS C 87 11.59 31.45 13.51
C LYS C 87 11.51 30.99 12.06
N LEU C 88 11.79 29.69 11.85
CA LEU C 88 11.71 29.07 10.53
C LEU C 88 10.29 28.67 10.19
N ASP C 89 9.93 28.78 8.91
CA ASP C 89 8.66 28.29 8.38
C ASP C 89 8.85 26.96 7.65
N GLY C 90 10.08 26.64 7.28
CA GLY C 90 10.32 25.40 6.54
C GLY C 90 11.70 24.84 6.77
N VAL C 91 11.81 23.50 6.62
CA VAL C 91 13.04 22.74 6.76
C VAL C 91 13.06 21.72 5.65
N VAL C 92 14.18 21.64 4.90
CA VAL C 92 14.35 20.66 3.85
C VAL C 92 15.52 19.74 4.18
N HIS C 93 15.21 18.43 4.30
CA HIS C 93 16.22 17.39 4.50
C HIS C 93 16.47 16.81 3.09
N SER C 94 17.68 17.00 2.54
CA SER C 94 18.03 16.45 1.22
C SER C 94 19.43 15.79 1.36
N ILE C 95 19.49 14.84 2.32
CA ILE C 95 20.72 14.17 2.75
C ILE C 95 20.59 12.66 2.60
N GLY C 96 21.63 12.05 2.07
CA GLY C 96 21.69 10.61 1.91
C GLY C 96 23.10 10.14 1.75
N PHE C 97 23.36 8.91 2.20
CA PHE C 97 24.67 8.29 2.12
C PHE C 97 24.54 6.82 2.34
N MET C 98 25.25 6.03 1.55
CA MET C 98 25.37 4.58 1.77
C MET C 98 26.71 4.16 1.14
N PRO C 99 27.66 3.60 1.93
CA PRO C 99 28.94 3.16 1.30
C PRO C 99 28.76 2.20 0.12
N GLN C 100 29.77 2.17 -0.79
CA GLN C 100 29.79 1.32 -1.99
C GLN C 100 29.56 -0.17 -1.68
N THR C 101 29.89 -0.62 -0.45
CA THR C 101 29.64 -2.01 -0.02
C THR C 101 28.13 -2.29 0.05
N GLY C 102 27.30 -1.25 0.23
CA GLY C 102 25.86 -1.44 0.33
C GLY C 102 24.99 -0.89 -0.79
N MET C 103 25.59 -0.30 -1.82
CA MET C 103 24.84 0.27 -2.95
C MET C 103 25.78 0.22 -4.16
N GLY C 104 25.31 -0.36 -5.26
CA GLY C 104 26.10 -0.48 -6.48
C GLY C 104 26.18 -1.90 -6.99
N ILE C 105 27.40 -2.37 -7.29
CA ILE C 105 27.61 -3.73 -7.82
C ILE C 105 27.96 -4.76 -6.73
N ASN C 106 28.29 -4.29 -5.50
CA ASN C 106 28.66 -5.17 -4.41
C ASN C 106 27.48 -6.07 -3.99
N PRO C 107 27.68 -7.39 -3.81
CA PRO C 107 26.55 -8.23 -3.40
C PRO C 107 25.88 -7.72 -2.13
N PHE C 108 24.54 -7.77 -2.11
CA PHE C 108 23.72 -7.35 -0.97
C PHE C 108 24.23 -7.99 0.36
N PHE C 109 24.63 -9.26 0.30
CA PHE C 109 25.08 -9.98 1.49
C PHE C 109 26.46 -9.59 2.00
N ASP C 110 27.25 -8.88 1.17
CA ASP C 110 28.61 -8.53 1.55
C ASP C 110 28.75 -7.18 2.24
N ALA C 111 27.64 -6.48 2.49
CA ALA C 111 27.72 -5.17 3.17
C ALA C 111 27.89 -5.39 4.68
N PRO C 112 29.02 -4.96 5.29
CA PRO C 112 29.16 -5.10 6.77
C PRO C 112 28.17 -4.18 7.49
N TYR C 113 27.71 -4.60 8.67
CA TYR C 113 26.74 -3.75 9.41
C TYR C 113 27.28 -2.35 9.72
N ALA C 114 28.60 -2.18 9.99
CA ALA C 114 29.10 -0.82 10.26
C ALA C 114 28.77 0.12 9.10
N ASP C 115 28.84 -0.37 7.84
CA ASP C 115 28.53 0.45 6.67
C ASP C 115 27.03 0.71 6.58
N VAL C 116 26.20 -0.33 6.78
CA VAL C 116 24.74 -0.16 6.73
C VAL C 116 24.28 0.81 7.84
N SER C 117 24.82 0.67 9.05
CA SER C 117 24.47 1.54 10.17
C SER C 117 24.79 3.00 9.90
N LYS C 118 25.97 3.28 9.29
CA LYS C 118 26.33 4.64 8.95
C LYS C 118 25.34 5.20 7.93
N GLY C 119 24.98 4.38 6.93
CA GLY C 119 24.03 4.81 5.90
C GLY C 119 22.65 5.09 6.46
N ILE C 120 22.18 4.25 7.40
CA ILE C 120 20.86 4.48 8.01
C ILE C 120 20.89 5.69 8.94
N HIS C 121 22.02 5.91 9.63
CA HIS C 121 22.15 7.07 10.51
C HIS C 121 21.98 8.36 9.68
N ILE C 122 22.74 8.47 8.57
CA ILE C 122 22.72 9.68 7.75
C ILE C 122 21.44 9.82 6.95
N SER C 123 20.92 8.69 6.42
CA SER C 123 19.80 8.76 5.49
C SER C 123 18.42 8.71 6.11
N ALA C 124 18.31 8.12 7.31
CA ALA C 124 16.98 7.97 7.93
C ALA C 124 16.87 8.55 9.33
N TYR C 125 17.73 8.11 10.27
CA TYR C 125 17.66 8.62 11.64
C TYR C 125 17.81 10.15 11.68
N SER C 126 18.66 10.73 10.80
CA SER C 126 18.91 12.19 10.79
C SER C 126 17.66 13.01 10.48
N TYR C 127 16.64 12.41 9.84
CA TYR C 127 15.40 13.16 9.59
C TYR C 127 14.75 13.48 10.94
N ALA C 128 14.77 12.50 11.90
CA ALA C 128 14.27 12.75 13.26
C ALA C 128 15.21 13.74 13.98
N SER C 129 16.55 13.56 13.86
CA SER C 129 17.53 14.46 14.51
C SER C 129 17.32 15.92 14.11
N MET C 130 17.13 16.17 12.82
CA MET C 130 16.92 17.54 12.33
C MET C 130 15.61 18.11 12.84
N ALA C 131 14.53 17.31 12.84
CA ALA C 131 13.25 17.79 13.36
C ALA C 131 13.36 18.08 14.86
N LYS C 132 14.09 17.23 15.62
CA LYS C 132 14.26 17.46 17.06
C LYS C 132 14.94 18.81 17.30
N ALA C 133 16.02 19.09 16.55
CA ALA C 133 16.78 20.32 16.73
C ALA C 133 16.00 21.58 16.30
N LEU C 134 15.20 21.46 15.23
CA LEU C 134 14.58 22.63 14.61
C LEU C 134 13.13 22.91 14.98
N LEU C 135 12.31 21.90 15.38
CA LEU C 135 10.92 22.16 15.77
C LEU C 135 10.81 23.27 16.84
N PRO C 136 11.69 23.35 17.87
CA PRO C 136 11.60 24.45 18.85
C PRO C 136 11.78 25.85 18.25
N ILE C 137 12.28 25.95 16.98
CA ILE C 137 12.45 27.26 16.32
C ILE C 137 11.62 27.31 15.03
N MET C 138 10.47 26.57 14.98
CA MET C 138 9.57 26.60 13.81
C MET C 138 8.24 27.24 14.17
N ASN C 139 7.67 28.00 13.21
CA ASN C 139 6.38 28.64 13.38
C ASN C 139 5.23 27.68 13.11
N PRO C 140 4.04 27.89 13.76
CA PRO C 140 2.86 27.10 13.37
C PRO C 140 2.58 27.34 11.88
N GLY C 141 2.07 26.31 11.20
CA GLY C 141 1.84 26.34 9.76
C GLY C 141 3.08 25.94 8.99
N GLY C 142 4.17 25.66 9.71
CA GLY C 142 5.46 25.30 9.14
C GLY C 142 5.45 23.97 8.42
N SER C 143 6.55 23.64 7.73
CA SER C 143 6.62 22.43 6.92
C SER C 143 8.04 21.87 6.89
N ILE C 144 8.15 20.56 7.18
CA ILE C 144 9.42 19.80 7.11
C ILE C 144 9.25 18.87 5.92
N VAL C 145 10.22 18.89 4.97
CA VAL C 145 10.15 18.02 3.80
C VAL C 145 11.46 17.26 3.65
N GLY C 146 11.37 15.96 3.39
CA GLY C 146 12.56 15.15 3.15
C GLY C 146 12.49 14.48 1.79
N MET C 147 13.66 14.11 1.23
CA MET C 147 13.73 13.46 -0.09
C MET C 147 13.74 11.94 0.05
N ASP C 148 12.92 11.28 -0.78
CA ASP C 148 12.76 9.83 -0.76
C ASP C 148 12.87 9.25 -2.16
N PHE C 149 13.08 7.92 -2.25
CA PHE C 149 13.07 7.17 -3.52
C PHE C 149 12.24 5.94 -3.19
N ASP C 150 11.08 5.78 -3.86
CA ASP C 150 10.11 4.72 -3.55
C ASP C 150 10.78 3.35 -3.31
N PRO C 151 10.73 2.87 -2.04
CA PRO C 151 11.40 1.59 -1.71
C PRO C 151 10.41 0.43 -1.50
N SER C 152 9.14 0.59 -1.95
N SER C 152 9.13 0.59 -1.93
CA SER C 152 8.09 -0.41 -1.73
CA SER C 152 8.10 -0.44 -1.71
C SER C 152 8.39 -1.76 -2.40
C SER C 152 8.41 -1.78 -2.39
N ARG C 153 9.25 -1.75 -3.44
CA ARG C 153 9.68 -2.97 -4.17
C ARG C 153 11.20 -2.99 -4.23
N ALA C 154 11.79 -4.19 -4.21
CA ALA C 154 13.24 -4.30 -4.33
C ALA C 154 13.63 -4.05 -5.80
N MET C 155 14.89 -3.72 -6.03
CA MET C 155 15.37 -3.42 -7.37
C MET C 155 16.87 -3.70 -7.43
N PRO C 156 17.46 -3.80 -8.63
CA PRO C 156 18.92 -3.98 -8.69
C PRO C 156 19.68 -2.76 -8.14
N ALA C 157 20.88 -3.00 -7.62
CA ALA C 157 21.89 -2.02 -7.19
C ALA C 157 21.55 -1.13 -5.98
N TYR C 158 20.33 -0.61 -5.87
CA TYR C 158 20.02 0.31 -4.77
C TYR C 158 20.18 -0.35 -3.38
N ASN C 159 20.00 -1.68 -3.31
CA ASN C 159 20.29 -2.54 -2.16
C ASN C 159 20.01 -1.91 -0.78
N TRP C 160 21.05 -1.65 0.05
CA TRP C 160 20.83 -1.15 1.40
C TRP C 160 20.33 0.30 1.45
N MET C 161 20.57 1.10 0.38
CA MET C 161 19.98 2.43 0.38
C MET C 161 18.43 2.29 0.28
N THR C 162 17.92 1.22 -0.42
CA THR C 162 16.47 1.01 -0.47
C THR C 162 15.95 0.76 0.96
N VAL C 163 16.71 -0.03 1.76
CA VAL C 163 16.35 -0.35 3.14
C VAL C 163 16.33 0.96 3.97
N ALA C 164 17.36 1.84 3.77
CA ALA C 164 17.42 3.12 4.47
C ALA C 164 16.20 3.98 4.10
N LYS C 165 15.74 3.95 2.82
CA LYS C 165 14.54 4.73 2.46
C LYS C 165 13.28 4.15 3.11
N SER C 166 13.17 2.81 3.17
CA SER C 166 12.04 2.17 3.88
C SER C 166 12.01 2.64 5.36
N ALA C 167 13.19 2.74 6.01
CA ALA C 167 13.28 3.23 7.38
C ALA C 167 12.88 4.72 7.42
N LEU C 168 13.37 5.54 6.44
CA LEU C 168 13.06 6.97 6.39
C LEU C 168 11.54 7.21 6.32
N GLU C 169 10.84 6.44 5.48
CA GLU C 169 9.37 6.57 5.37
C GLU C 169 8.70 6.36 6.73
N SER C 170 9.19 5.35 7.49
CA SER C 170 8.63 5.05 8.83
C SER C 170 8.95 6.22 9.79
N VAL C 171 10.23 6.70 9.75
CA VAL C 171 10.65 7.84 10.61
C VAL C 171 9.75 9.06 10.33
N ASN C 172 9.46 9.34 9.03
CA ASN C 172 8.61 10.49 8.67
C ASN C 172 7.23 10.42 9.35
N ARG C 173 6.64 9.21 9.43
CA ARG C 173 5.32 9.09 10.09
C ARG C 173 5.38 9.42 11.60
N PHE C 174 6.50 9.07 12.26
CA PHE C 174 6.66 9.40 13.67
C PHE C 174 7.03 10.89 13.87
N VAL C 175 7.85 11.46 12.94
CA VAL C 175 8.20 12.87 13.06
C VAL C 175 6.89 13.69 12.92
N ALA C 176 5.95 13.24 12.05
CA ALA C 176 4.67 13.97 11.88
C ALA C 176 3.92 14.07 13.22
N ARG C 177 3.97 12.99 14.05
CA ARG C 177 3.32 12.99 15.36
C ARG C 177 3.90 14.10 16.24
N GLU C 178 5.22 14.24 16.24
CA GLU C 178 5.88 15.28 17.04
C GLU C 178 5.65 16.66 16.46
N ALA C 179 5.80 16.80 15.14
CA ALA C 179 5.66 18.10 14.48
C ALA C 179 4.26 18.66 14.63
N GLY C 180 3.24 17.78 14.66
CA GLY C 180 1.85 18.22 14.82
C GLY C 180 1.59 19.00 16.10
N LYS C 181 2.37 18.73 17.15
CA LYS C 181 2.28 19.43 18.46
C LYS C 181 2.63 20.93 18.29
N TYR C 182 3.42 21.25 17.26
CA TYR C 182 3.89 22.60 16.95
C TYR C 182 3.06 23.21 15.80
N GLY C 183 2.06 22.48 15.29
CA GLY C 183 1.27 22.91 14.14
C GLY C 183 2.09 22.86 12.86
N VAL C 184 3.07 21.92 12.80
CA VAL C 184 3.99 21.76 11.68
C VAL C 184 3.73 20.42 10.96
N ARG C 185 3.81 20.43 9.62
CA ARG C 185 3.62 19.25 8.79
C ARG C 185 4.99 18.60 8.51
N SER C 186 4.99 17.28 8.26
CA SER C 186 6.21 16.54 7.91
C SER C 186 5.84 15.62 6.75
N ASN C 187 6.55 15.75 5.63
CA ASN C 187 6.24 14.90 4.47
C ASN C 187 7.50 14.60 3.68
N LEU C 188 7.43 13.55 2.85
CA LEU C 188 8.55 13.22 1.96
C LEU C 188 8.11 13.41 0.51
N VAL C 189 9.09 13.76 -0.35
CA VAL C 189 8.87 13.79 -1.80
C VAL C 189 9.64 12.60 -2.34
N ALA C 190 8.93 11.66 -2.97
CA ALA C 190 9.56 10.47 -3.59
C ALA C 190 9.79 10.83 -5.04
N ALA C 191 11.06 11.10 -5.38
CA ALA C 191 11.39 11.53 -6.74
C ALA C 191 11.78 10.38 -7.65
N GLY C 192 11.63 10.58 -8.96
CA GLY C 192 12.17 9.63 -9.94
C GLY C 192 13.69 9.85 -9.97
N PRO C 193 14.44 9.02 -10.70
CA PRO C 193 15.92 9.16 -10.72
C PRO C 193 16.38 10.46 -11.38
N ILE C 194 17.36 11.15 -10.76
CA ILE C 194 17.94 12.40 -11.25
C ILE C 194 19.45 12.18 -11.41
N ARG C 195 20.00 12.56 -12.59
CA ARG C 195 21.43 12.51 -12.89
C ARG C 195 22.20 13.55 -12.01
N THR C 196 22.51 13.18 -10.73
CA THR C 196 23.26 14.06 -9.80
C THR C 196 24.74 13.68 -9.79
N ILE C 215 21.98 -0.09 -13.68
CA ILE C 215 21.39 1.18 -13.22
C ILE C 215 20.73 1.92 -14.38
N GLN C 216 21.41 1.97 -15.55
CA GLN C 216 20.90 2.64 -16.75
C GLN C 216 19.55 2.07 -17.21
N LEU C 217 19.43 0.73 -17.34
CA LEU C 217 18.19 0.05 -17.75
C LEU C 217 17.06 0.33 -16.75
N LEU C 218 17.38 0.24 -15.45
CA LEU C 218 16.42 0.48 -14.37
C LEU C 218 15.91 1.91 -14.45
N GLU C 219 16.83 2.89 -14.51
CA GLU C 219 16.49 4.32 -14.61
C GLU C 219 15.69 4.65 -15.85
N GLU C 220 16.02 4.03 -17.01
CA GLU C 220 15.32 4.20 -18.30
C GLU C 220 13.85 3.77 -18.25
N GLY C 221 13.52 2.85 -17.34
CA GLY C 221 12.16 2.37 -17.16
C GLY C 221 11.19 3.45 -16.70
N TRP C 222 11.70 4.49 -15.97
CA TRP C 222 10.81 5.55 -15.47
C TRP C 222 10.16 6.28 -16.63
N ASP C 223 10.93 6.68 -17.65
CA ASP C 223 10.34 7.47 -18.75
C ASP C 223 9.31 6.66 -19.52
N GLN C 224 9.57 5.33 -19.66
CA GLN C 224 8.67 4.39 -20.35
C GLN C 224 7.32 4.25 -19.60
N ARG C 225 7.36 4.06 -18.29
CA ARG C 225 6.16 3.88 -17.45
C ARG C 225 5.41 5.18 -17.17
N ALA C 226 6.14 6.29 -17.01
CA ALA C 226 5.55 7.57 -16.64
C ALA C 226 4.54 8.07 -17.69
N PRO C 227 3.24 8.22 -17.36
CA PRO C 227 2.28 8.72 -18.39
C PRO C 227 2.62 10.09 -18.95
N ILE C 228 3.32 10.93 -18.17
CA ILE C 228 3.73 12.27 -18.61
C ILE C 228 5.24 12.33 -18.92
N GLY C 229 5.88 11.16 -18.94
CA GLY C 229 7.31 11.08 -19.19
C GLY C 229 8.13 11.44 -17.98
N TRP C 230 9.44 11.19 -18.07
CA TRP C 230 10.36 11.50 -16.98
C TRP C 230 11.69 11.91 -17.57
N ASN C 231 12.17 13.09 -17.22
CA ASN C 231 13.45 13.59 -17.69
C ASN C 231 14.46 13.55 -16.53
N MET C 232 15.33 12.52 -16.50
CA MET C 232 16.33 12.37 -15.44
C MET C 232 17.35 13.52 -15.36
N LYS C 233 17.48 14.33 -16.42
CA LYS C 233 18.43 15.44 -16.41
C LYS C 233 17.80 16.73 -15.86
N ASP C 234 16.50 16.69 -15.51
CA ASP C 234 15.77 17.88 -15.07
C ASP C 234 15.24 17.76 -13.63
N ALA C 235 15.90 18.44 -12.64
CA ALA C 235 15.45 18.39 -11.24
C ALA C 235 14.35 19.42 -10.91
N THR C 236 14.08 20.38 -11.81
CA THR C 236 13.08 21.44 -11.55
C THR C 236 11.70 20.88 -11.14
N PRO C 237 11.12 19.83 -11.78
CA PRO C 237 9.79 19.35 -11.33
C PRO C 237 9.81 18.87 -9.87
N VAL C 238 10.94 18.28 -9.44
CA VAL C 238 11.12 17.82 -8.06
C VAL C 238 11.21 19.02 -7.11
N ALA C 239 12.03 20.01 -7.48
CA ALA C 239 12.15 21.22 -6.66
C ALA C 239 10.80 21.93 -6.50
N LYS C 240 10.01 22.02 -7.59
CA LYS C 240 8.70 22.65 -7.54
C LYS C 240 7.78 21.89 -6.56
N THR C 241 7.83 20.54 -6.60
CA THR C 241 6.99 19.71 -5.71
C THR C 241 7.37 19.97 -4.23
N VAL C 242 8.67 20.05 -3.91
CA VAL C 242 9.11 20.35 -2.55
C VAL C 242 8.55 21.74 -2.15
N CYS C 243 8.67 22.74 -3.06
CA CYS C 243 8.14 24.08 -2.77
C CYS C 243 6.62 24.06 -2.54
N ALA C 244 5.86 23.20 -3.28
CA ALA C 244 4.40 23.09 -3.04
C ALA C 244 4.17 22.65 -1.58
N LEU C 245 4.96 21.69 -1.08
CA LEU C 245 4.81 21.22 0.31
C LEU C 245 5.25 22.27 1.31
N LEU C 246 6.23 23.12 0.94
CA LEU C 246 6.68 24.20 1.85
C LEU C 246 5.67 25.34 1.91
N SER C 247 4.80 25.43 0.88
CA SER C 247 3.78 26.48 0.77
C SER C 247 2.59 26.23 1.70
N ASP C 248 1.59 27.13 1.65
CA ASP C 248 0.38 27.00 2.47
C ASP C 248 -0.71 26.21 1.70
N TRP C 249 -0.37 25.64 0.52
CA TRP C 249 -1.36 25.02 -0.37
C TRP C 249 -1.61 23.53 -0.16
N LEU C 250 -0.89 22.86 0.75
CA LEU C 250 -1.18 21.45 1.09
C LEU C 250 -1.30 21.40 2.64
N PRO C 251 -2.28 22.15 3.22
CA PRO C 251 -2.30 22.34 4.67
C PRO C 251 -2.80 21.17 5.49
N ALA C 252 -3.36 20.15 4.82
CA ALA C 252 -3.94 19.02 5.53
C ALA C 252 -3.24 17.72 5.21
N THR C 253 -1.99 17.80 4.77
CA THR C 253 -1.18 16.64 4.41
C THR C 253 0.01 16.57 5.35
N THR C 254 0.13 15.43 6.07
CA THR C 254 1.25 15.20 6.97
C THR C 254 1.50 13.70 7.17
N GLY C 255 2.75 13.37 7.52
CA GLY C 255 3.22 11.99 7.70
C GLY C 255 3.16 11.23 6.37
N ASP C 256 3.12 11.99 5.25
CA ASP C 256 2.82 11.41 3.95
C ASP C 256 3.94 11.48 2.94
N ILE C 257 3.67 10.91 1.75
CA ILE C 257 4.65 10.88 0.66
C ILE C 257 3.96 11.38 -0.61
N ILE C 258 4.56 12.38 -1.27
CA ILE C 258 4.08 12.90 -2.55
C ILE C 258 5.09 12.39 -3.59
N TYR C 259 4.58 11.79 -4.69
CA TYR C 259 5.44 11.21 -5.72
C TYR C 259 5.67 12.18 -6.85
N ALA C 260 6.92 12.61 -7.06
CA ALA C 260 7.29 13.50 -8.16
C ALA C 260 8.15 12.60 -9.06
N ASP C 261 7.47 11.67 -9.78
CA ASP C 261 8.16 10.64 -10.56
C ASP C 261 7.55 10.41 -11.94
N GLY C 262 6.77 11.38 -12.41
CA GLY C 262 6.10 11.28 -13.70
C GLY C 262 4.91 10.34 -13.69
N GLY C 263 4.52 9.86 -12.49
CA GLY C 263 3.46 8.87 -12.33
C GLY C 263 3.97 7.44 -12.58
N ALA C 264 5.28 7.25 -12.69
CA ALA C 264 5.83 5.90 -12.99
C ALA C 264 5.40 4.84 -11.99
N HIS C 265 5.33 5.18 -10.68
CA HIS C 265 4.99 4.16 -9.68
C HIS C 265 3.53 3.67 -9.78
N THR C 266 2.69 4.35 -10.59
CA THR C 266 1.27 4.00 -10.72
C THR C 266 1.01 3.06 -11.89
N GLN C 267 2.06 2.69 -12.64
CA GLN C 267 1.95 1.90 -13.87
C GLN C 267 2.87 0.70 -13.82
N LEU C 268 2.36 -0.45 -14.24
CA LEU C 268 3.17 -1.67 -14.23
C LEU C 268 4.12 -1.66 -15.41
N LEU C 269 3.60 -1.30 -16.59
CA LEU C 269 4.32 -1.19 -17.86
C LEU C 269 3.51 -0.24 -18.74
N GLY D 3 -4.69 -36.08 3.89
CA GLY D 3 -4.97 -34.99 2.97
C GLY D 3 -5.17 -33.65 3.66
N LEU D 4 -4.68 -32.59 3.03
CA LEU D 4 -4.82 -31.23 3.56
C LEU D 4 -6.28 -30.84 3.84
N LEU D 5 -7.22 -31.34 3.01
CA LEU D 5 -8.63 -30.97 3.10
C LEU D 5 -9.53 -32.19 3.39
N ASP D 6 -8.97 -33.21 4.08
CA ASP D 6 -9.70 -34.45 4.39
C ASP D 6 -11.05 -34.17 5.07
N GLY D 7 -12.10 -34.68 4.45
CA GLY D 7 -13.47 -34.57 4.93
C GLY D 7 -14.16 -33.24 4.68
N LYS D 8 -13.41 -32.20 4.21
CA LYS D 8 -14.03 -30.89 3.97
C LYS D 8 -15.00 -30.89 2.79
N ARG D 9 -16.14 -30.19 2.93
CA ARG D 9 -17.14 -30.09 1.85
C ARG D 9 -16.94 -28.73 1.23
N ILE D 10 -16.54 -28.69 -0.06
CA ILE D 10 -16.17 -27.43 -0.71
C ILE D 10 -16.90 -27.21 -2.02
N LEU D 11 -17.47 -26.01 -2.18
CA LEU D 11 -18.15 -25.65 -3.42
C LEU D 11 -17.12 -24.94 -4.32
N VAL D 12 -17.03 -25.35 -5.61
CA VAL D 12 -16.08 -24.76 -6.54
C VAL D 12 -16.83 -24.30 -7.77
N SER D 13 -16.82 -22.97 -8.02
CA SER D 13 -17.45 -22.38 -9.20
C SER D 13 -16.36 -22.10 -10.23
N GLY D 14 -16.76 -21.82 -11.47
CA GLY D 14 -15.80 -21.36 -12.45
C GLY D 14 -15.16 -22.33 -13.41
N ILE D 15 -15.56 -23.61 -13.41
CA ILE D 15 -15.02 -24.52 -14.41
C ILE D 15 -15.80 -24.31 -15.73
N ILE D 16 -15.06 -24.10 -16.83
CA ILE D 16 -15.62 -24.06 -18.19
C ILE D 16 -14.81 -25.01 -19.09
N THR D 17 -13.45 -25.04 -18.93
CA THR D 17 -12.58 -25.97 -19.67
C THR D 17 -11.62 -26.64 -18.69
N ASP D 18 -10.83 -27.64 -19.16
CA ASP D 18 -9.84 -28.25 -18.27
C ASP D 18 -8.59 -27.35 -18.11
N SER D 19 -8.56 -26.15 -18.77
CA SER D 19 -7.49 -25.15 -18.59
C SER D 19 -7.95 -24.10 -17.54
N SER D 20 -9.26 -24.10 -17.16
CA SER D 20 -9.78 -23.15 -16.15
C SER D 20 -8.99 -23.30 -14.85
N ILE D 21 -8.62 -22.18 -14.21
CA ILE D 21 -7.94 -22.27 -12.91
C ILE D 21 -8.80 -23.09 -11.94
N ALA D 22 -10.16 -22.94 -12.01
CA ALA D 22 -11.07 -23.70 -11.12
C ALA D 22 -10.94 -25.21 -11.33
N PHE D 23 -10.62 -25.66 -12.56
CA PHE D 23 -10.46 -27.09 -12.78
C PHE D 23 -9.28 -27.61 -11.94
N HIS D 24 -8.15 -26.89 -11.98
CA HIS D 24 -6.96 -27.24 -11.19
C HIS D 24 -7.23 -27.15 -9.69
N ILE D 25 -7.96 -26.10 -9.26
CA ILE D 25 -8.32 -25.98 -7.84
C ILE D 25 -9.13 -27.21 -7.41
N ALA D 26 -10.14 -27.59 -8.22
CA ALA D 26 -10.97 -28.74 -7.89
C ALA D 26 -10.16 -30.03 -7.85
N ARG D 27 -9.26 -30.20 -8.83
CA ARG D 27 -8.42 -31.40 -8.91
C ARG D 27 -7.55 -31.53 -7.66
N VAL D 28 -6.82 -30.45 -7.30
CA VAL D 28 -5.96 -30.47 -6.12
C VAL D 28 -6.81 -30.70 -4.86
N ALA D 29 -7.97 -30.03 -4.75
CA ALA D 29 -8.82 -30.21 -3.56
C ALA D 29 -9.26 -31.69 -3.40
N GLN D 30 -9.63 -32.36 -4.52
CA GLN D 30 -10.02 -33.77 -4.46
C GLN D 30 -8.83 -34.66 -4.10
N GLU D 31 -7.64 -34.36 -4.65
CA GLU D 31 -6.41 -35.11 -4.33
C GLU D 31 -6.12 -35.00 -2.84
N GLN D 32 -6.51 -33.85 -2.24
CA GLN D 32 -6.31 -33.59 -0.81
C GLN D 32 -7.49 -34.01 0.09
N GLY D 33 -8.40 -34.83 -0.45
CA GLY D 33 -9.49 -35.44 0.31
C GLY D 33 -10.78 -34.68 0.43
N ALA D 34 -10.92 -33.53 -0.24
CA ALA D 34 -12.16 -32.77 -0.17
C ALA D 34 -13.30 -33.45 -0.96
N GLN D 35 -14.54 -33.20 -0.51
CA GLN D 35 -15.76 -33.67 -1.17
C GLN D 35 -16.32 -32.41 -1.83
N LEU D 36 -16.41 -32.39 -3.16
CA LEU D 36 -16.85 -31.18 -3.84
C LEU D 36 -18.29 -31.12 -4.29
N VAL D 37 -18.78 -29.88 -4.45
CA VAL D 37 -20.01 -29.51 -5.12
C VAL D 37 -19.53 -28.50 -6.16
N LEU D 38 -19.88 -28.70 -7.42
CA LEU D 38 -19.42 -27.80 -8.48
C LEU D 38 -20.56 -26.95 -9.01
N THR D 39 -20.24 -25.71 -9.44
CA THR D 39 -21.26 -24.87 -10.09
C THR D 39 -20.72 -24.41 -11.42
N GLY D 40 -21.59 -24.28 -12.38
CA GLY D 40 -21.15 -23.77 -13.66
C GLY D 40 -22.28 -23.10 -14.38
N PHE D 41 -21.92 -22.40 -15.46
CA PHE D 41 -22.94 -21.78 -16.29
C PHE D 41 -22.56 -21.84 -17.76
N LEU D 46 -22.75 -29.07 -21.07
CA LEU D 46 -21.43 -29.24 -21.69
C LEU D 46 -20.31 -29.38 -20.65
N ILE D 47 -20.36 -28.56 -19.56
CA ILE D 47 -19.42 -28.52 -18.42
C ILE D 47 -19.31 -29.91 -17.76
N GLN D 48 -20.41 -30.73 -17.73
CA GLN D 48 -20.33 -32.07 -17.12
C GLN D 48 -19.28 -32.93 -17.83
N ARG D 49 -19.13 -32.80 -19.18
CA ARG D 49 -18.10 -33.56 -19.88
C ARG D 49 -16.72 -33.17 -19.36
N ILE D 50 -16.49 -31.87 -19.01
CA ILE D 50 -15.21 -31.43 -18.46
C ILE D 50 -15.04 -31.91 -17.01
N THR D 51 -16.07 -31.74 -16.16
CA THR D 51 -15.98 -32.12 -14.75
C THR D 51 -15.83 -33.65 -14.59
N ASP D 52 -16.21 -34.47 -15.63
CA ASP D 52 -16.00 -35.92 -15.65
C ASP D 52 -14.51 -36.27 -15.66
N ARG D 53 -13.65 -35.30 -16.05
CA ARG D 53 -12.18 -35.49 -16.14
C ARG D 53 -11.51 -35.33 -14.77
N LEU D 54 -12.25 -34.87 -13.74
CA LEU D 54 -11.69 -34.73 -12.39
C LEU D 54 -11.51 -36.12 -11.78
N PRO D 55 -10.61 -36.31 -10.80
CA PRO D 55 -10.42 -37.67 -10.25
C PRO D 55 -11.62 -38.28 -9.53
N ALA D 56 -12.56 -37.44 -9.04
CA ALA D 56 -13.74 -37.98 -8.35
C ALA D 56 -15.02 -37.33 -8.83
N LYS D 57 -16.14 -38.08 -8.65
CA LYS D 57 -17.46 -37.62 -8.98
C LYS D 57 -17.85 -36.49 -8.06
N ALA D 58 -18.60 -35.53 -8.61
CA ALA D 58 -19.08 -34.38 -7.85
C ALA D 58 -20.34 -33.87 -8.49
N PRO D 59 -21.38 -33.56 -7.69
CA PRO D 59 -22.61 -32.98 -8.28
C PRO D 59 -22.31 -31.63 -8.92
N LEU D 60 -22.93 -31.38 -10.07
CA LEU D 60 -22.79 -30.12 -10.82
C LEU D 60 -24.13 -29.39 -10.80
N LEU D 61 -24.12 -28.16 -10.25
CA LEU D 61 -25.32 -27.35 -10.13
C LEU D 61 -25.19 -26.17 -11.05
N GLU D 62 -26.30 -25.73 -11.65
CA GLU D 62 -26.28 -24.55 -12.51
C GLU D 62 -26.25 -23.29 -11.66
N LEU D 63 -25.36 -22.33 -12.02
CA LEU D 63 -25.30 -21.05 -11.33
C LEU D 63 -24.84 -19.92 -12.24
N ASP D 64 -25.80 -19.14 -12.75
CA ASP D 64 -25.54 -17.91 -13.48
C ASP D 64 -25.59 -16.84 -12.40
N VAL D 65 -24.44 -16.20 -12.09
CA VAL D 65 -24.41 -15.23 -10.99
C VAL D 65 -25.25 -13.96 -11.26
N GLN D 66 -25.67 -13.73 -12.52
CA GLN D 66 -26.54 -12.60 -12.85
C GLN D 66 -28.02 -12.97 -12.67
N ASN D 67 -28.30 -14.23 -12.36
CA ASN D 67 -29.65 -14.76 -12.20
C ASN D 67 -30.06 -14.83 -10.74
N GLU D 68 -30.93 -13.90 -10.32
CA GLU D 68 -31.42 -13.80 -8.94
C GLU D 68 -32.11 -15.08 -8.43
N GLU D 69 -32.84 -15.77 -9.31
CA GLU D 69 -33.52 -17.01 -8.95
C GLU D 69 -32.50 -18.13 -8.65
N HIS D 70 -31.40 -18.22 -9.44
CA HIS D 70 -30.35 -19.21 -9.19
C HIS D 70 -29.71 -18.97 -7.82
N LEU D 71 -29.46 -17.69 -7.49
CA LEU D 71 -28.85 -17.30 -6.22
C LEU D 71 -29.77 -17.58 -5.03
N ALA D 72 -31.07 -17.28 -5.20
CA ALA D 72 -32.08 -17.49 -4.15
C ALA D 72 -32.26 -18.98 -3.80
N SER D 73 -32.06 -19.88 -4.78
CA SER D 73 -32.27 -21.32 -4.58
C SER D 73 -30.97 -22.09 -4.30
N LEU D 74 -29.82 -21.43 -4.47
CA LEU D 74 -28.51 -22.09 -4.37
C LEU D 74 -28.30 -22.88 -3.08
N ALA D 75 -28.49 -22.25 -1.89
CA ALA D 75 -28.28 -22.95 -0.63
C ALA D 75 -29.11 -24.24 -0.51
N GLY D 76 -30.39 -24.17 -0.89
CA GLY D 76 -31.28 -25.33 -0.85
C GLY D 76 -30.80 -26.45 -1.76
N ARG D 77 -30.32 -26.07 -2.96
CA ARG D 77 -29.83 -27.04 -3.95
C ARG D 77 -28.52 -27.69 -3.51
N VAL D 78 -27.64 -26.91 -2.87
CA VAL D 78 -26.38 -27.43 -2.32
C VAL D 78 -26.70 -28.39 -1.15
N THR D 79 -27.63 -28.00 -0.25
CA THR D 79 -28.03 -28.87 0.87
C THR D 79 -28.54 -30.24 0.36
N GLU D 80 -29.33 -30.23 -0.74
CA GLU D 80 -29.83 -31.47 -1.35
C GLU D 80 -28.65 -32.34 -1.82
N ALA D 81 -27.66 -31.70 -2.44
CA ALA D 81 -26.46 -32.38 -2.95
C ALA D 81 -25.56 -32.97 -1.85
N ILE D 82 -25.36 -32.26 -0.73
CA ILE D 82 -24.45 -32.73 0.33
C ILE D 82 -25.16 -33.52 1.44
N GLY D 83 -26.49 -33.43 1.48
CA GLY D 83 -27.30 -34.13 2.47
C GLY D 83 -27.75 -33.22 3.59
N ALA D 84 -29.02 -33.37 4.00
CA ALA D 84 -29.62 -32.61 5.11
C ALA D 84 -28.76 -32.86 6.36
N GLY D 85 -28.50 -31.80 7.12
CA GLY D 85 -27.68 -31.89 8.32
C GLY D 85 -26.20 -31.60 8.08
N ASN D 86 -25.79 -31.53 6.80
CA ASN D 86 -24.39 -31.22 6.46
C ASN D 86 -24.27 -29.80 5.95
N LYS D 87 -23.12 -29.17 6.20
CA LYS D 87 -22.84 -27.80 5.75
C LYS D 87 -21.51 -27.75 5.00
N LEU D 88 -21.26 -26.64 4.28
CA LEU D 88 -20.01 -26.44 3.55
C LEU D 88 -18.93 -25.93 4.46
N ASP D 89 -17.69 -26.31 4.18
CA ASP D 89 -16.50 -25.79 4.86
C ASP D 89 -15.77 -24.78 3.97
N GLY D 90 -15.97 -24.85 2.64
CA GLY D 90 -15.26 -23.97 1.73
C GLY D 90 -16.10 -23.57 0.53
N VAL D 91 -15.79 -22.38 -0.03
CA VAL D 91 -16.42 -21.82 -1.21
C VAL D 91 -15.31 -21.21 -2.05
N VAL D 92 -15.26 -21.56 -3.35
CA VAL D 92 -14.29 -20.98 -4.27
C VAL D 92 -15.01 -20.22 -5.35
N HIS D 93 -14.71 -18.90 -5.46
CA HIS D 93 -15.20 -18.03 -6.53
C HIS D 93 -14.06 -17.94 -7.55
N SER D 94 -14.26 -18.50 -8.77
CA SER D 94 -13.22 -18.42 -9.81
C SER D 94 -13.94 -18.01 -11.10
N ILE D 95 -14.61 -16.86 -11.02
CA ILE D 95 -15.48 -16.33 -12.07
C ILE D 95 -15.01 -14.92 -12.48
N GLY D 96 -15.02 -14.68 -13.77
CA GLY D 96 -14.64 -13.38 -14.29
C GLY D 96 -15.15 -13.23 -15.70
N PHE D 97 -15.41 -11.98 -16.10
CA PHE D 97 -15.94 -11.68 -17.42
C PHE D 97 -15.77 -10.21 -17.73
N MET D 98 -15.36 -9.93 -18.98
CA MET D 98 -15.28 -8.56 -19.49
C MET D 98 -15.41 -8.61 -21.00
N PRO D 99 -16.43 -7.93 -21.60
CA PRO D 99 -16.52 -7.90 -23.07
C PRO D 99 -15.25 -7.28 -23.71
N GLN D 100 -14.98 -7.63 -25.00
CA GLN D 100 -13.82 -7.13 -25.77
C GLN D 100 -13.78 -5.59 -25.82
N THR D 101 -14.93 -4.90 -25.64
CA THR D 101 -14.93 -3.43 -25.59
C THR D 101 -14.18 -2.92 -24.35
N GLY D 102 -14.11 -3.74 -23.29
CA GLY D 102 -13.49 -3.32 -22.04
C GLY D 102 -12.14 -3.93 -21.67
N MET D 103 -11.63 -4.88 -22.50
CA MET D 103 -10.37 -5.59 -22.25
C MET D 103 -9.85 -6.06 -23.61
N GLY D 104 -8.59 -5.77 -23.91
CA GLY D 104 -7.99 -6.17 -25.18
C GLY D 104 -7.38 -5.00 -25.92
N ILE D 105 -7.77 -4.81 -27.17
CA ILE D 105 -7.22 -3.74 -28.01
C ILE D 105 -8.09 -2.49 -28.04
N ASN D 106 -9.35 -2.59 -27.57
CA ASN D 106 -10.25 -1.44 -27.64
C ASN D 106 -9.77 -0.31 -26.74
N PRO D 107 -9.71 0.96 -27.21
CA PRO D 107 -9.26 2.04 -26.31
C PRO D 107 -10.09 2.07 -25.01
N PHE D 108 -9.42 2.38 -23.91
CA PHE D 108 -10.05 2.47 -22.59
C PHE D 108 -11.32 3.35 -22.61
N PHE D 109 -11.26 4.47 -23.31
CA PHE D 109 -12.40 5.39 -23.37
C PHE D 109 -13.58 4.92 -24.21
N ASP D 110 -13.39 3.87 -25.02
CA ASP D 110 -14.43 3.41 -25.92
C ASP D 110 -15.28 2.28 -25.36
N ALA D 111 -15.10 1.93 -24.08
CA ALA D 111 -15.92 0.86 -23.50
C ALA D 111 -17.26 1.45 -23.04
N PRO D 112 -18.41 1.00 -23.58
CA PRO D 112 -19.70 1.53 -23.11
C PRO D 112 -20.00 1.03 -21.69
N TYR D 113 -20.68 1.86 -20.88
CA TYR D 113 -20.97 1.45 -19.52
C TYR D 113 -21.76 0.15 -19.40
N ALA D 114 -22.69 -0.14 -20.33
CA ALA D 114 -23.43 -1.40 -20.24
C ALA D 114 -22.48 -2.60 -20.21
N ASP D 115 -21.39 -2.55 -21.00
CA ASP D 115 -20.40 -3.64 -21.05
C ASP D 115 -19.59 -3.68 -19.76
N VAL D 116 -19.11 -2.50 -19.30
CA VAL D 116 -18.34 -2.42 -18.04
C VAL D 116 -19.19 -2.94 -16.86
N SER D 117 -20.47 -2.50 -16.79
CA SER D 117 -21.37 -2.90 -15.70
C SER D 117 -21.59 -4.41 -15.67
N LYS D 118 -21.77 -5.05 -16.87
CA LYS D 118 -21.94 -6.50 -16.89
C LYS D 118 -20.64 -7.19 -16.35
N GLY D 119 -19.49 -6.68 -16.77
CA GLY D 119 -18.20 -7.18 -16.32
C GLY D 119 -18.03 -7.06 -14.81
N ILE D 120 -18.42 -5.91 -14.23
CA ILE D 120 -18.30 -5.70 -12.78
C ILE D 120 -19.30 -6.56 -12.02
N HIS D 121 -20.52 -6.74 -12.58
CA HIS D 121 -21.54 -7.59 -11.96
C HIS D 121 -20.97 -9.02 -11.79
N ILE D 122 -20.47 -9.61 -12.88
CA ILE D 122 -19.96 -10.97 -12.85
C ILE D 122 -18.65 -11.10 -12.10
N SER D 123 -17.72 -10.14 -12.27
CA SER D 123 -16.36 -10.26 -11.73
C SER D 123 -16.19 -9.79 -10.30
N ALA D 124 -17.05 -8.87 -9.82
CA ALA D 124 -16.86 -8.31 -8.48
C ALA D 124 -18.10 -8.43 -7.58
N TYR D 125 -19.26 -7.90 -8.02
CA TYR D 125 -20.46 -7.96 -7.19
C TYR D 125 -20.83 -9.42 -6.85
N SER D 126 -20.63 -10.36 -7.80
CA SER D 126 -20.98 -11.78 -7.55
C SER D 126 -20.23 -12.43 -6.40
N TYR D 127 -19.06 -11.86 -5.99
CA TYR D 127 -18.35 -12.41 -4.85
C TYR D 127 -19.21 -12.19 -3.59
N ALA D 128 -19.87 -11.00 -3.49
CA ALA D 128 -20.78 -10.72 -2.38
C ALA D 128 -22.06 -11.60 -2.52
N SER D 129 -22.60 -11.75 -3.77
CA SER D 129 -23.81 -12.55 -4.04
C SER D 129 -23.61 -13.98 -3.56
N MET D 130 -22.47 -14.57 -3.90
CA MET D 130 -22.19 -15.97 -3.55
C MET D 130 -22.03 -16.11 -2.04
N ALA D 131 -21.33 -15.15 -1.37
CA ALA D 131 -21.19 -15.22 0.08
C ALA D 131 -22.57 -15.07 0.76
N LYS D 132 -23.43 -14.18 0.24
CA LYS D 132 -24.77 -13.98 0.81
C LYS D 132 -25.55 -15.28 0.76
N ALA D 133 -25.50 -15.97 -0.39
CA ALA D 133 -26.24 -17.21 -0.59
C ALA D 133 -25.71 -18.37 0.24
N LEU D 134 -24.38 -18.46 0.40
CA LEU D 134 -23.76 -19.63 1.03
C LEU D 134 -23.38 -19.53 2.50
N LEU D 135 -23.13 -18.33 3.02
CA LEU D 135 -22.79 -18.23 4.45
C LEU D 135 -23.81 -18.91 5.38
N PRO D 136 -25.15 -18.82 5.12
CA PRO D 136 -26.12 -19.53 5.98
C PRO D 136 -25.95 -21.06 6.04
N ILE D 137 -25.18 -21.65 5.07
CA ILE D 137 -24.92 -23.09 5.06
C ILE D 137 -23.42 -23.41 5.19
N MET D 138 -22.66 -22.54 5.86
CA MET D 138 -21.23 -22.76 6.10
C MET D 138 -20.93 -23.02 7.56
N ASN D 139 -19.99 -23.94 7.81
CA ASN D 139 -19.57 -24.25 9.18
C ASN D 139 -18.58 -23.20 9.72
N PRO D 140 -18.54 -22.99 11.06
CA PRO D 140 -17.49 -22.13 11.63
C PRO D 140 -16.12 -22.74 11.28
N GLY D 141 -15.14 -21.88 11.05
CA GLY D 141 -13.81 -22.30 10.62
C GLY D 141 -13.74 -22.42 9.11
N GLY D 142 -14.87 -22.15 8.45
CA GLY D 142 -14.98 -22.18 6.99
C GLY D 142 -14.16 -21.12 6.28
N SER D 143 -14.06 -21.24 4.95
CA SER D 143 -13.21 -20.35 4.15
C SER D 143 -13.84 -20.06 2.78
N ILE D 144 -13.89 -18.80 2.40
CA ILE D 144 -14.33 -18.34 1.08
C ILE D 144 -13.10 -17.79 0.39
N VAL D 145 -12.81 -18.25 -0.84
CA VAL D 145 -11.61 -17.79 -1.57
C VAL D 145 -12.03 -17.35 -2.97
N GLY D 146 -11.55 -16.18 -3.40
CA GLY D 146 -11.79 -15.69 -4.75
C GLY D 146 -10.49 -15.45 -5.52
N MET D 147 -10.55 -15.44 -6.86
CA MET D 147 -9.37 -15.23 -7.69
C MET D 147 -9.23 -13.77 -8.08
N ASP D 148 -8.00 -13.25 -7.98
CA ASP D 148 -7.68 -11.86 -8.27
C ASP D 148 -6.47 -11.76 -9.19
N PHE D 149 -6.25 -10.57 -9.80
CA PHE D 149 -5.07 -10.25 -10.61
C PHE D 149 -4.72 -8.84 -10.14
N ASP D 150 -3.54 -8.69 -9.52
CA ASP D 150 -3.13 -7.44 -8.90
C ASP D 150 -3.43 -6.20 -9.74
N PRO D 151 -4.38 -5.35 -9.27
CA PRO D 151 -4.79 -4.17 -10.05
C PRO D 151 -4.28 -2.85 -9.46
N SER D 152 -3.27 -2.91 -8.55
N SER D 152 -3.28 -2.90 -8.54
CA SER D 152 -2.72 -1.74 -7.86
CA SER D 152 -2.77 -1.70 -7.87
C SER D 152 -2.11 -0.72 -8.79
C SER D 152 -2.12 -0.69 -8.81
N ARG D 153 -1.69 -1.16 -10.00
CA ARG D 153 -1.07 -0.30 -11.01
C ARG D 153 -1.78 -0.56 -12.35
N ALA D 154 -1.89 0.47 -13.19
CA ALA D 154 -2.51 0.29 -14.49
C ALA D 154 -1.51 -0.45 -15.41
N MET D 155 -2.03 -1.05 -16.48
CA MET D 155 -1.20 -1.81 -17.40
C MET D 155 -1.87 -1.84 -18.78
N PRO D 156 -1.14 -2.22 -19.84
CA PRO D 156 -1.80 -2.34 -21.15
C PRO D 156 -2.87 -3.43 -21.17
N ALA D 157 -3.88 -3.26 -22.06
CA ALA D 157 -4.92 -4.23 -22.41
C ALA D 157 -5.92 -4.61 -21.33
N TYR D 158 -5.49 -4.85 -20.08
CA TYR D 158 -6.41 -5.33 -19.02
C TYR D 158 -7.53 -4.32 -18.75
N ASN D 159 -7.24 -3.03 -18.94
CA ASN D 159 -8.23 -1.95 -18.95
C ASN D 159 -9.34 -2.07 -17.88
N TRP D 160 -10.63 -2.21 -18.29
CA TRP D 160 -11.73 -2.26 -17.34
C TRP D 160 -11.78 -3.53 -16.49
N MET D 161 -11.11 -4.61 -16.94
CA MET D 161 -11.03 -5.80 -16.08
C MET D 161 -10.15 -5.45 -14.86
N THR D 162 -9.14 -4.53 -15.03
CA THR D 162 -8.32 -4.08 -13.89
C THR D 162 -9.22 -3.35 -12.89
N VAL D 163 -10.12 -2.49 -13.39
CA VAL D 163 -11.07 -1.75 -12.56
C VAL D 163 -11.99 -2.75 -11.81
N ALA D 164 -12.47 -3.81 -12.50
CA ALA D 164 -13.31 -4.84 -11.87
C ALA D 164 -12.55 -5.53 -10.74
N LYS D 165 -11.23 -5.80 -10.94
CA LYS D 165 -10.43 -6.42 -9.86
C LYS D 165 -10.24 -5.48 -8.68
N SER D 166 -10.03 -4.17 -8.97
CA SER D 166 -9.93 -3.18 -7.88
C SER D 166 -11.23 -3.19 -7.04
N ALA D 167 -12.40 -3.28 -7.72
CA ALA D 167 -13.69 -3.33 -7.03
C ALA D 167 -13.78 -4.68 -6.24
N LEU D 168 -13.35 -5.81 -6.86
CA LEU D 168 -13.39 -7.11 -6.20
C LEU D 168 -12.59 -7.10 -4.87
N GLU D 169 -11.37 -6.50 -4.89
CA GLU D 169 -10.57 -6.43 -3.67
C GLU D 169 -11.33 -5.70 -2.56
N SER D 170 -12.01 -4.60 -2.91
CA SER D 170 -12.81 -3.84 -1.94
C SER D 170 -13.99 -4.71 -1.44
N VAL D 171 -14.70 -5.40 -2.36
CA VAL D 171 -15.84 -6.27 -2.00
C VAL D 171 -15.35 -7.35 -1.01
N ASN D 172 -14.16 -7.94 -1.25
CA ASN D 172 -13.62 -8.99 -0.37
C ASN D 172 -13.48 -8.48 1.08
N ARG D 173 -13.04 -7.22 1.27
CA ARG D 173 -12.89 -6.69 2.61
C ARG D 173 -14.25 -6.58 3.34
N PHE D 174 -15.32 -6.26 2.58
CA PHE D 174 -16.66 -6.15 3.18
C PHE D 174 -17.26 -7.55 3.40
N VAL D 175 -17.01 -8.49 2.47
CA VAL D 175 -17.50 -9.86 2.67
C VAL D 175 -16.86 -10.44 3.96
N ALA D 176 -15.58 -10.12 4.23
CA ALA D 176 -14.89 -10.60 5.44
C ALA D 176 -15.66 -10.16 6.69
N ARG D 177 -16.18 -8.91 6.70
CA ARG D 177 -16.95 -8.40 7.85
C ARG D 177 -18.19 -9.27 8.09
N GLU D 178 -18.89 -9.62 7.01
CA GLU D 178 -20.09 -10.46 7.15
C GLU D 178 -19.74 -11.89 7.50
N ALA D 179 -18.74 -12.45 6.81
CA ALA D 179 -18.33 -13.84 7.02
C ALA D 179 -17.84 -14.10 8.45
N GLY D 180 -17.18 -13.10 9.04
CA GLY D 180 -16.69 -13.20 10.42
C GLY D 180 -17.78 -13.51 11.45
N LYS D 181 -19.02 -13.07 11.20
CA LYS D 181 -20.18 -13.31 12.06
C LYS D 181 -20.50 -14.81 12.14
N TYR D 182 -20.09 -15.58 11.10
CA TYR D 182 -20.30 -17.03 10.97
C TYR D 182 -19.01 -17.81 11.32
N GLY D 183 -17.95 -17.08 11.74
CA GLY D 183 -16.65 -17.70 12.02
C GLY D 183 -15.96 -18.16 10.74
N VAL D 184 -16.28 -17.49 9.61
CA VAL D 184 -15.75 -17.83 8.27
C VAL D 184 -14.78 -16.75 7.78
N ARG D 185 -13.69 -17.19 7.12
CA ARG D 185 -12.69 -16.29 6.53
C ARG D 185 -13.05 -16.01 5.07
N SER D 186 -12.60 -14.84 4.55
CA SER D 186 -12.79 -14.48 3.14
C SER D 186 -11.49 -13.89 2.64
N ASN D 187 -10.90 -14.47 1.58
CA ASN D 187 -9.62 -13.97 1.06
C ASN D 187 -9.55 -14.16 -0.44
N LEU D 188 -8.66 -13.39 -1.09
CA LEU D 188 -8.41 -13.53 -2.52
C LEU D 188 -7.00 -14.07 -2.75
N VAL D 189 -6.83 -14.82 -3.84
CA VAL D 189 -5.51 -15.24 -4.31
C VAL D 189 -5.23 -14.42 -5.56
N ALA D 190 -4.19 -13.58 -5.53
CA ALA D 190 -3.80 -12.77 -6.68
C ALA D 190 -2.73 -13.59 -7.41
N ALA D 191 -3.12 -14.17 -8.55
CA ALA D 191 -2.23 -15.03 -9.31
C ALA D 191 -1.47 -14.26 -10.38
N GLY D 192 -0.29 -14.78 -10.76
CA GLY D 192 0.40 -14.29 -11.93
C GLY D 192 -0.38 -14.74 -13.18
N PRO D 193 0.02 -14.29 -14.39
CA PRO D 193 -0.72 -14.66 -15.60
C PRO D 193 -0.65 -16.16 -15.92
N ILE D 194 -1.79 -16.76 -16.29
CA ILE D 194 -1.86 -18.17 -16.64
C ILE D 194 -2.42 -18.30 -18.05
N ARG D 195 -1.81 -19.19 -18.86
CA ARG D 195 -2.24 -19.46 -20.23
C ARG D 195 -3.58 -20.21 -20.32
N THR D 196 -4.70 -19.54 -19.98
CA THR D 196 -6.04 -20.13 -20.08
C THR D 196 -6.56 -19.85 -21.49
N GLY D 205 -1.56 -14.15 -30.96
CA GLY D 205 -1.69 -13.40 -32.20
C GLY D 205 -3.11 -13.04 -32.56
N ALA D 206 -4.09 -13.58 -31.82
CA ALA D 206 -5.51 -13.31 -32.08
C ALA D 206 -5.89 -11.81 -32.00
N LEU D 207 -5.16 -11.01 -31.21
CA LEU D 207 -5.40 -9.56 -31.05
C LEU D 207 -4.48 -8.64 -31.91
N GLY D 208 -3.69 -9.21 -32.81
CA GLY D 208 -2.79 -8.45 -33.68
C GLY D 208 -1.35 -8.43 -33.19
N GLU D 209 -0.44 -8.01 -34.09
CA GLU D 209 1.00 -7.94 -33.87
C GLU D 209 1.39 -7.01 -32.70
N GLU D 210 0.89 -5.76 -32.71
CA GLU D 210 1.21 -4.75 -31.70
C GLU D 210 0.82 -5.15 -30.28
N ALA D 211 -0.48 -5.49 -30.08
CA ALA D 211 -0.99 -5.90 -28.77
C ALA D 211 -0.37 -7.22 -28.32
N GLY D 212 -0.14 -8.14 -29.27
CA GLY D 212 0.50 -9.43 -29.02
C GLY D 212 1.91 -9.25 -28.46
N ALA D 213 2.68 -8.32 -29.03
CA ALA D 213 4.06 -8.04 -28.57
C ALA D 213 4.07 -7.39 -27.18
N GLN D 214 3.10 -6.48 -26.94
CA GLN D 214 2.97 -5.78 -25.67
C GLN D 214 2.60 -6.75 -24.53
N ILE D 215 1.64 -7.66 -24.79
CA ILE D 215 1.20 -8.65 -23.81
C ILE D 215 2.31 -9.68 -23.56
N GLN D 216 3.08 -10.02 -24.62
CA GLN D 216 4.23 -10.93 -24.49
C GLN D 216 5.28 -10.29 -23.57
N LEU D 217 5.57 -8.97 -23.73
CA LEU D 217 6.51 -8.25 -22.85
C LEU D 217 6.00 -8.23 -21.41
N LEU D 218 4.68 -8.07 -21.22
CA LEU D 218 4.06 -8.06 -19.89
C LEU D 218 4.33 -9.43 -19.20
N GLU D 219 4.23 -10.54 -19.96
CA GLU D 219 4.49 -11.92 -19.51
C GLU D 219 5.98 -12.28 -19.25
N GLU D 220 6.92 -11.95 -20.16
CA GLU D 220 8.37 -12.20 -20.01
C GLU D 220 8.93 -11.45 -18.77
N GLY D 221 8.48 -10.20 -18.58
CA GLY D 221 8.86 -9.38 -17.42
C GLY D 221 8.46 -10.00 -16.10
N TRP D 222 7.31 -10.70 -16.07
CA TRP D 222 6.78 -11.38 -14.89
C TRP D 222 7.74 -12.49 -14.37
N ASP D 223 8.11 -13.42 -15.26
CA ASP D 223 9.10 -14.45 -14.97
C ASP D 223 10.46 -13.79 -14.68
N GLN D 224 10.83 -12.66 -15.34
CA GLN D 224 12.10 -11.98 -15.08
C GLN D 224 12.13 -11.42 -13.65
N ARG D 225 11.03 -10.75 -13.21
CA ARG D 225 10.90 -10.08 -11.90
C ARG D 225 10.72 -11.07 -10.73
N ALA D 226 10.04 -12.19 -10.98
CA ALA D 226 9.76 -13.18 -9.94
C ALA D 226 11.08 -13.80 -9.46
N PRO D 227 11.46 -13.63 -8.16
CA PRO D 227 12.73 -14.22 -7.71
C PRO D 227 12.81 -15.75 -7.88
N ILE D 228 11.65 -16.43 -7.84
CA ILE D 228 11.62 -17.91 -8.01
C ILE D 228 11.07 -18.30 -9.41
N GLY D 229 10.94 -17.31 -10.28
CA GLY D 229 10.43 -17.50 -11.62
C GLY D 229 8.92 -17.64 -11.64
N TRP D 230 8.37 -17.64 -12.86
CA TRP D 230 6.94 -17.77 -13.04
C TRP D 230 6.68 -18.56 -14.32
N ASN D 231 5.94 -19.65 -14.18
CA ASN D 231 5.60 -20.49 -15.32
C ASN D 231 4.13 -20.32 -15.65
N MET D 232 3.82 -19.51 -16.70
CA MET D 232 2.42 -19.23 -17.10
C MET D 232 1.66 -20.48 -17.55
N LYS D 233 2.38 -21.55 -17.91
CA LYS D 233 1.72 -22.76 -18.41
C LYS D 233 1.32 -23.72 -17.27
N ASP D 234 1.66 -23.37 -16.01
CA ASP D 234 1.42 -24.24 -14.86
C ASP D 234 0.50 -23.58 -13.81
N ALA D 235 -0.77 -24.02 -13.72
CA ALA D 235 -1.73 -23.47 -12.73
C ALA D 235 -1.62 -24.15 -11.36
N THR D 236 -0.87 -25.26 -11.26
CA THR D 236 -0.78 -26.03 -9.99
C THR D 236 -0.32 -25.14 -8.79
N PRO D 237 0.69 -24.25 -8.91
CA PRO D 237 1.07 -23.44 -7.73
C PRO D 237 -0.08 -22.54 -7.25
N VAL D 238 -0.95 -22.09 -8.19
CA VAL D 238 -2.10 -21.26 -7.84
C VAL D 238 -3.19 -22.12 -7.12
N ALA D 239 -3.48 -23.33 -7.67
CA ALA D 239 -4.45 -24.23 -7.06
C ALA D 239 -4.00 -24.63 -5.64
N LYS D 240 -2.67 -24.88 -5.45
CA LYS D 240 -2.14 -25.22 -4.12
C LYS D 240 -2.38 -24.07 -3.15
N THR D 241 -2.14 -22.82 -3.62
CA THR D 241 -2.32 -21.62 -2.76
C THR D 241 -3.79 -21.49 -2.32
N VAL D 242 -4.74 -21.69 -3.26
CA VAL D 242 -6.16 -21.66 -2.89
C VAL D 242 -6.45 -22.74 -1.83
N CYS D 243 -5.91 -23.96 -2.04
CA CYS D 243 -6.11 -25.03 -1.05
C CYS D 243 -5.51 -24.68 0.32
N ALA D 244 -4.35 -23.99 0.36
CA ALA D 244 -3.80 -23.53 1.64
C ALA D 244 -4.82 -22.64 2.37
N LEU D 245 -5.49 -21.73 1.63
CA LEU D 245 -6.48 -20.84 2.27
C LEU D 245 -7.76 -21.60 2.67
N LEU D 246 -8.09 -22.69 1.94
CA LEU D 246 -9.27 -23.50 2.29
C LEU D 246 -8.98 -24.38 3.53
N SER D 247 -7.70 -24.63 3.81
CA SER D 247 -7.27 -25.47 4.93
C SER D 247 -7.39 -24.73 6.27
N ASP D 248 -6.99 -25.41 7.35
CA ASP D 248 -7.00 -24.84 8.69
C ASP D 248 -5.65 -24.17 9.02
N TRP D 249 -4.74 -24.02 8.03
CA TRP D 249 -3.38 -23.54 8.24
C TRP D 249 -3.16 -22.02 8.11
N LEU D 250 -4.19 -21.25 7.74
CA LEU D 250 -4.07 -19.76 7.72
C LEU D 250 -5.31 -19.28 8.50
N PRO D 251 -5.42 -19.65 9.81
CA PRO D 251 -6.67 -19.42 10.55
C PRO D 251 -6.93 -18.01 11.00
N ALA D 252 -5.91 -17.14 10.85
CA ALA D 252 -6.03 -15.75 11.34
C ALA D 252 -5.88 -14.74 10.20
N THR D 253 -6.18 -15.17 8.96
CA THR D 253 -6.07 -14.32 7.78
C THR D 253 -7.47 -14.17 7.18
N THR D 254 -7.93 -12.91 7.08
CA THR D 254 -9.23 -12.62 6.46
C THR D 254 -9.27 -11.20 5.90
N GLY D 255 -10.16 -11.00 4.91
CA GLY D 255 -10.29 -9.73 4.21
C GLY D 255 -9.03 -9.42 3.42
N ASP D 256 -8.19 -10.45 3.16
CA ASP D 256 -6.84 -10.24 2.64
C ASP D 256 -6.59 -10.79 1.27
N ILE D 257 -5.35 -10.60 0.79
CA ILE D 257 -4.92 -11.05 -0.52
C ILE D 257 -3.61 -11.79 -0.35
N ILE D 258 -3.54 -13.05 -0.85
CA ILE D 258 -2.30 -13.82 -0.88
C ILE D 258 -1.84 -13.81 -2.33
N TYR D 259 -0.56 -13.47 -2.58
CA TYR D 259 -0.05 -13.39 -3.94
C TYR D 259 0.66 -14.67 -4.34
N ALA D 260 0.13 -15.37 -5.35
CA ALA D 260 0.74 -16.59 -5.89
C ALA D 260 1.21 -16.16 -7.29
N ASP D 261 2.31 -15.38 -7.31
CA ASP D 261 2.79 -14.75 -8.55
C ASP D 261 4.32 -14.84 -8.72
N GLY D 262 4.95 -15.76 -7.98
CA GLY D 262 6.39 -15.94 -8.00
C GLY D 262 7.15 -14.84 -7.28
N GLY D 263 6.42 -13.97 -6.58
CA GLY D 263 6.98 -12.80 -5.91
C GLY D 263 7.19 -11.62 -6.86
N ALA D 264 6.66 -11.70 -8.10
CA ALA D 264 6.85 -10.60 -9.05
C ALA D 264 6.40 -9.22 -8.56
N HIS D 265 5.26 -9.17 -7.82
CA HIS D 265 4.76 -7.87 -7.37
C HIS D 265 5.66 -7.18 -6.34
N THR D 266 6.65 -7.92 -5.78
CA THR D 266 7.55 -7.37 -4.74
C THR D 266 8.83 -6.78 -5.33
N GLN D 267 8.97 -6.85 -6.67
CA GLN D 267 10.20 -6.46 -7.38
C GLN D 267 9.90 -5.47 -8.48
N LEU D 268 10.73 -4.44 -8.59
CA LEU D 268 10.51 -3.44 -9.63
C LEU D 268 11.10 -3.89 -10.94
N LEU D 269 12.31 -4.44 -10.87
CA LEU D 269 13.03 -4.98 -12.02
C LEU D 269 13.90 -6.15 -11.54
PA NAD E . 10.77 -12.78 22.58
O1A NAD E . 11.40 -11.86 23.56
O2A NAD E . 10.27 -14.08 23.23
O5B NAD E . 11.67 -13.17 21.31
C5B NAD E . 12.75 -12.29 20.91
C4B NAD E . 13.96 -13.16 20.73
O4B NAD E . 15.04 -12.39 20.14
C3B NAD E . 14.50 -13.76 22.04
O3B NAD E . 14.61 -15.17 21.98
C2B NAD E . 15.88 -13.12 22.16
O2B NAD E . 16.85 -13.93 22.84
C1B NAD E . 16.22 -12.93 20.69
N9A NAD E . 17.37 -12.07 20.43
C8A NAD E . 17.62 -10.83 20.96
N7A NAD E . 18.83 -10.39 20.73
C5A NAD E . 19.41 -11.39 19.98
C6A NAD E . 20.72 -11.56 19.46
N6A NAD E . 21.70 -10.66 19.63
N1A NAD E . 20.99 -12.70 18.78
C2A NAD E . 20.02 -13.62 18.65
N3A NAD E . 18.76 -13.57 19.10
C4A NAD E . 18.53 -12.43 19.77
O3 NAD E . 9.54 -12.04 21.89
PN NAD E . 8.53 -12.42 20.71
O1N NAD E . 7.33 -11.58 20.89
O2N NAD E . 8.39 -13.88 20.59
O5D NAD E . 9.29 -11.90 19.41
C5D NAD E . 9.70 -12.77 18.31
C4D NAD E . 9.51 -12.05 17.00
O4D NAD E . 8.10 -11.83 16.75
C3D NAD E . 10.17 -10.66 16.93
O3D NAD E . 10.60 -10.39 15.60
C2D NAD E . 8.99 -9.73 17.24
O2D NAD E . 9.21 -8.41 16.78
C1D NAD E . 7.90 -10.46 16.47
N1N NAD E . 6.49 -10.07 16.76
C2N NAD E . 6.05 -9.99 18.07
C3N NAD E . 4.75 -9.60 18.35
C7N NAD E . 4.21 -9.52 19.76
O7N NAD E . 3.19 -8.82 19.98
N7N NAD E . 4.95 -10.06 20.76
C4N NAD E . 3.90 -9.30 17.29
C5N NAD E . 4.35 -9.38 15.98
C6N NAD E . 5.66 -9.77 15.74
C S72 F . 4.89 -6.10 18.40
F S72 F . 10.60 -1.99 29.46
N S72 F . 6.49 -6.69 21.67
O S72 F . 7.95 -6.66 18.41
C1 S72 F . 5.37 -6.25 19.80
N1 S72 F . 5.28 -6.30 22.02
O1 S72 F . 13.82 -5.59 23.41
C2 S72 F . 6.55 -6.73 20.31
N2 S72 F . 4.58 -6.08 20.88
O2 S72 F . 10.69 -5.97 27.12
C3 S72 F . 3.21 -5.60 20.99
N3 S72 F . 8.82 -7.40 20.36
C4 S72 F . 3.12 -4.10 20.94
N4 S72 F . 13.30 -6.11 25.54
C5 S72 F . 2.55 -3.46 19.85
N5 S72 F . 10.79 -8.17 26.71
C6 S72 F . 2.51 -2.08 19.77
C7 S72 F . 3.07 -1.31 20.77
C8 S72 F . 3.69 -1.92 21.85
C9 S72 F . 3.72 -3.31 21.92
C10 S72 F . 7.83 -6.91 19.60
C11 S72 F . 10.20 -7.46 19.90
C12 S72 F . 10.87 -8.74 20.40
C13 S72 F . 11.18 -8.69 21.88
C14 S72 F . 12.06 -7.49 22.24
C15 S72 F . 11.35 -6.21 21.81
C16 S72 F . 10.99 -6.22 20.32
C17 S72 F . 12.45 -7.51 23.72
C18 S72 F . 13.25 -6.33 24.20
C19 S72 F . 14.02 -4.98 26.15
C20 S72 F . 13.14 -4.13 27.04
C21 S72 F . 12.18 -3.27 26.49
C22 S72 F . 11.32 -2.55 27.30
C23 S72 F . 11.43 -2.71 28.66
C24 S72 F . 12.33 -3.55 29.25
C25 S72 F . 13.18 -4.28 28.42
C26 S72 F . 12.73 -7.04 26.51
C27 S72 F . 11.22 -6.92 26.56
C28 S72 F . 10.23 -8.65 27.96
PA NAD G . -22.39 16.76 -2.60
O1A NAD G . -23.71 16.11 -2.43
O2A NAD G . -22.36 18.22 -2.26
O5B NAD G . -21.81 16.61 -4.09
C5B NAD G . -22.11 15.43 -4.87
C4B NAD G . -22.43 15.95 -6.26
O4B NAD G . -22.63 14.85 -7.19
C3B NAD G . -23.71 16.81 -6.33
O3B NAD G . -23.45 18.10 -6.87
C2B NAD G . -24.63 16.00 -7.23
O2B NAD G . -25.51 16.77 -8.04
C1B NAD G . -23.59 15.31 -8.11
N9A NAD G . -24.07 14.22 -8.95
C8A NAD G . -24.84 13.15 -8.58
N7A NAD G . -25.30 12.45 -9.59
C5A NAD G . -24.81 13.10 -10.70
C6A NAD G . -24.99 12.90 -12.09
N6A NAD G . -25.82 11.97 -12.60
N1A NAD G . -24.37 13.75 -12.94
C2A NAD G . -23.65 14.76 -12.44
N3A NAD G . -23.44 15.07 -11.15
C4A NAD G . -24.03 14.19 -10.33
O3 NAD G . -21.32 15.98 -1.70
PN NAD G . -19.75 16.17 -1.48
O1N NAD G . -19.32 17.55 -1.76
O2N NAD G . -19.47 15.60 -0.14
O5D NAD G . -19.15 15.14 -2.55
C5D NAD G . -18.35 15.59 -3.67
C4D NAD G . -17.28 14.56 -3.91
O4D NAD G . -16.38 14.52 -2.76
C3D NAD G . -17.77 13.12 -4.10
O3D NAD G . -16.94 12.37 -5.00
C2D NAD G . -17.58 12.53 -2.70
O2D NAD G . -17.57 11.11 -2.72
C1D NAD G . -16.26 13.19 -2.35
N1N NAD G . -15.82 13.14 -0.91
C2N NAD G . -16.67 13.52 0.08
C3N NAD G . -16.31 13.41 1.41
C7N NAD G . -17.23 13.85 2.54
O7N NAD G . -17.03 13.42 3.69
N7N NAD G . -18.32 14.56 2.22
C4N NAD G . -15.02 12.94 1.70
C5N NAD G . -14.16 12.61 0.68
C6N NAD G . -14.58 12.71 -0.62
C S72 H . -17.20 10.22 2.27
F S72 H . -27.76 9.18 4.71
N S72 H . -20.68 11.49 2.28
O S72 H . -18.78 10.18 -0.48
C1 S72 H . -18.61 10.68 2.47
N1 S72 H . -20.42 11.39 3.56
O1 S72 H . -25.91 9.37 -3.13
C2 S72 H . -19.58 11.11 1.58
N2 S72 H . -19.13 10.97 3.68
O2 S72 H . -29.73 10.28 -3.35
C3 S72 H . -18.59 10.72 5.02
N3 S72 H . -20.68 11.46 -0.52
C4 S72 H . -18.72 9.27 5.42
N4 S72 H . -27.49 9.98 -1.65
C5 S72 H . -17.60 8.47 5.59
N5 S72 H . -30.70 8.96 -1.81
C6 S72 H . -17.73 7.13 5.91
C7 S72 H . -18.99 6.56 6.02
C8 S72 H . -20.11 7.34 5.83
C9 S72 H . -19.98 8.68 5.53
C10 S72 H . -19.64 10.87 0.11
C11 S72 H . -20.98 11.23 -1.94
C12 S72 H . -21.73 12.42 -2.55
C13 S72 H . -23.18 12.50 -2.06
C14 S72 H . -23.95 11.21 -2.31
C15 S72 H . -23.21 10.05 -1.63
C16 S72 H . -21.76 9.93 -2.12
C17 S72 H . -25.42 11.32 -1.86
C18 S72 H . -26.29 10.14 -2.27
C19 S72 H . -27.99 10.91 -0.63
C20 S72 H . -27.94 10.40 0.79
C21 S72 H . -26.88 9.63 1.24
C22 S72 H . -26.82 9.19 2.55
C23 S72 H . -27.82 9.57 3.41
C24 S72 H . -28.88 10.35 3.01
C25 S72 H . -28.93 10.77 1.69
C26 S72 H . -28.36 8.86 -1.97
C27 S72 H . -29.68 9.35 -2.56
C28 S72 H . -31.97 9.68 -1.78
PA NAD I . 23.84 14.69 -3.45
O1A NAD I . 23.97 15.92 -4.25
O2A NAD I . 25.06 13.81 -3.38
O5B NAD I . 23.25 15.08 -2.00
C5B NAD I . 23.43 14.22 -0.84
C4B NAD I . 23.86 15.14 0.27
O4B NAD I . 23.98 14.41 1.52
C3B NAD I . 25.21 15.85 0.04
O3B NAD I . 25.04 17.27 0.08
C2B NAD I . 26.07 15.32 1.19
O2B NAD I . 27.06 16.25 1.64
C1B NAD I . 25.01 15.08 2.24
N9A NAD I . 25.44 14.31 3.39
C8A NAD I . 26.15 13.13 3.40
N7A NAD I . 26.59 12.79 4.59
C5A NAD I . 26.12 13.79 5.42
C6A NAD I . 26.28 14.04 6.80
N6A NAD I . 27.03 13.28 7.60
N1A NAD I . 25.70 15.16 7.31
C2A NAD I . 25.03 15.98 6.49
N3A NAD I . 24.83 15.85 5.17
C4A NAD I . 25.40 14.73 4.69
O3 NAD I . 22.74 13.74 -4.10
PN NAD I . 21.18 13.98 -4.36
O1N NAD I . 20.84 13.05 -5.47
O2N NAD I . 20.88 15.42 -4.48
O5D NAD I . 20.49 13.44 -3.01
C5D NAD I . 19.70 14.30 -2.16
C4D NAD I . 18.59 13.48 -1.56
O4D NAD I . 17.64 13.13 -2.59
C3D NAD I . 19.00 12.15 -0.90
O3D NAD I . 18.13 11.84 0.19
C2D NAD I . 18.72 11.14 -2.02
O2D NAD I . 18.53 9.83 -1.49
C1D NAD I . 17.43 11.74 -2.57
N1N NAD I . 16.97 11.24 -3.92
C2N NAD I . 17.85 11.23 -4.98
C3N NAD I . 17.46 10.74 -6.22
C7N NAD I . 18.40 10.70 -7.40
O7N NAD I . 18.14 9.99 -8.36
N7N NAD I . 19.57 11.36 -7.29
C4N NAD I . 16.14 10.30 -6.39
C5N NAD I . 15.26 10.32 -5.30
C6N NAD I . 15.70 10.80 -4.07
C S72 J . 18.03 7.28 -5.84
F S72 J . 27.02 3.58 -6.79
N S72 J . 21.58 8.20 -6.22
O S72 J . 19.62 8.08 -3.22
C1 S72 J . 19.46 7.55 -6.17
N1 S72 J . 21.31 7.68 -7.39
O1 S72 J . 26.82 7.80 -0.31
C2 S72 J . 20.46 8.16 -5.46
N2 S72 J . 20.01 7.29 -7.38
O2 S72 J . 30.40 8.66 -0.38
C3 S72 J . 19.44 6.66 -8.56
N3 S72 J . 21.64 9.06 -3.59
C4 S72 J . 19.48 5.15 -8.49
N4 S72 J . 28.37 7.46 -1.90
C5 S72 J . 18.33 4.40 -8.61
N5 S72 J . 31.56 6.76 -0.65
C6 S72 J . 18.38 3.01 -8.53
C7 S72 J . 19.59 2.36 -8.34
C8 S72 J . 20.74 3.10 -8.21
C9 S72 J . 20.69 4.49 -8.28
C10 S72 J . 20.52 8.42 -3.99
C11 S72 J . 21.96 9.32 -2.19
C12 S72 J . 22.87 10.55 -2.06
C13 S72 J . 24.28 10.26 -2.59
C14 S72 J . 24.92 9.06 -1.90
C15 S72 J . 24.02 7.84 -2.06
C16 S72 J . 22.59 8.10 -1.54
C17 S72 J . 26.35 8.80 -2.40
C18 S72 J . 27.20 7.98 -1.46
C19 S72 J . 28.85 7.59 -3.29
C20 S72 J . 28.35 6.51 -4.22
C21 S72 J . 27.37 5.60 -3.83
C22 S72 J . 26.92 4.61 -4.68
C23 S72 J . 27.46 4.54 -5.94
C24 S72 J . 28.44 5.40 -6.38
C25 S72 J . 28.88 6.38 -5.50
C26 S72 J . 29.22 6.67 -1.04
C27 S72 J . 30.46 7.49 -0.76
C28 S72 J . 32.86 7.32 -0.33
PA NAD K . -12.02 -19.15 -17.33
O1A NAD K . -12.58 -18.51 -18.55
O2A NAD K . -11.68 -20.62 -17.43
O5B NAD K . -12.91 -18.96 -15.98
C5B NAD K . -13.88 -17.90 -15.94
C4B NAD K . -15.18 -18.53 -15.49
O4B NAD K . -16.17 -17.50 -15.26
C3B NAD K . -15.78 -19.52 -16.49
O3B NAD K . -16.04 -20.77 -15.88
C2B NAD K . -17.11 -18.85 -16.88
O2B NAD K . -18.13 -19.79 -17.16
C1B NAD K . -17.41 -18.11 -15.59
N9A NAD K . -18.48 -17.12 -15.66
C8A NAD K . -18.64 -16.11 -16.58
N7A NAD K . -19.81 -15.53 -16.53
C5A NAD K . -20.47 -16.19 -15.51
C6A NAD K . -21.78 -16.07 -14.98
N6A NAD K . -22.69 -15.19 -15.43
N1A NAD K . -22.13 -16.91 -13.97
C2A NAD K . -21.24 -17.82 -13.55
N3A NAD K . -19.99 -18.02 -13.97
C4A NAD K . -19.66 -17.17 -14.96
O3 NAD K . -10.72 -18.30 -16.94
PN NAD K . -9.72 -18.34 -15.69
O1N NAD K . -9.71 -19.70 -15.14
O2N NAD K . -8.46 -17.73 -16.17
O5D NAD K . -10.38 -17.28 -14.69
C5D NAD K . -10.90 -17.69 -13.41
C4D NAD K . -10.60 -16.58 -12.43
O4D NAD K . -9.17 -16.43 -12.26
C3D NAD K . -11.12 -15.19 -12.83
O3D NAD K . -11.49 -14.46 -11.65
C2D NAD K . -9.86 -14.51 -13.37
O2D NAD K . -9.97 -13.08 -13.43
C1D NAD K . -8.83 -15.08 -12.39
N1N NAD K . -7.38 -14.95 -12.78
C2N NAD K . -6.98 -15.35 -14.02
C3N NAD K . -5.68 -15.14 -14.45
C7N NAD K . -5.22 -15.54 -15.82
O7N NAD K . -5.95 -16.37 -16.53
N7N NAD K . -4.06 -15.14 -16.19
C4N NAD K . -4.77 -14.59 -13.55
C5N NAD K . -5.18 -14.21 -12.29
C6N NAD K . -6.50 -14.40 -11.92
C S72 L . -5.49 -11.88 -15.71
F S72 L . -9.55 -13.17 -26.28
N S72 L . -7.25 -13.41 -18.58
O S72 L . -8.64 -12.11 -15.55
C1 S72 L . -6.04 -12.45 -16.97
N1 S72 L . -6.03 -13.25 -19.06
O1 S72 L . -14.77 -12.62 -20.56
C2 S72 L . -7.27 -12.98 -17.30
N2 S72 L . -5.28 -12.68 -18.08
O2 S72 L . -16.90 -15.08 -21.57
C3 S72 L . -3.87 -12.39 -18.35
N3 S72 L . -9.60 -13.47 -17.11
C4 S72 L . -3.65 -10.96 -18.81
N4 S72 L . -14.51 -14.01 -22.31
C5 S72 L . -2.96 -10.07 -18.01
N5 S72 L . -17.08 -15.29 -23.80
C6 S72 L . -2.76 -8.76 -18.42
C7 S72 L . -3.29 -8.31 -19.61
C8 S72 L . -4.01 -9.18 -20.40
C9 S72 L . -4.19 -10.50 -20.00
C10 S72 L . -8.56 -12.81 -16.56
C11 S72 L . -10.98 -13.33 -16.63
C12 S72 L . -11.75 -14.62 -16.82
C13 S72 L . -12.00 -14.91 -18.29
C14 S72 L . -12.73 -13.77 -18.99
C15 S72 L . -11.97 -12.46 -18.80
C16 S72 L . -11.69 -12.17 -17.32
C17 S72 L . -12.90 -14.08 -20.47
C18 S72 L . -14.14 -13.52 -21.11
C19 S72 L . -13.73 -15.06 -23.01
C20 S72 L . -12.61 -14.54 -23.89
C21 S72 L . -12.13 -13.24 -23.78
C22 S72 L . -11.10 -12.77 -24.57
C23 S72 L . -10.56 -13.63 -25.48
C24 S72 L . -10.97 -14.92 -25.63
C25 S72 L . -12.01 -15.38 -24.83
C26 S72 L . -15.70 -13.56 -23.00
C27 S72 L . -16.76 -14.62 -22.69
C28 S72 L . -17.43 -16.69 -23.78
#